data_2IHM
#
_entry.id   2IHM
#
_cell.length_a   71.028
_cell.length_b   96.085
_cell.length_c   73.090
_cell.angle_alpha   90.00
_cell.angle_beta   106.55
_cell.angle_gamma   90.00
#
_symmetry.space_group_name_H-M   'P 1 21 1'
#
loop_
_entity.id
_entity.type
_entity.pdbx_description
1 polymer "5'-D(*CP*GP*GP*CP*AP*AP*TP*AP*CP*TP*G)-3'"
2 polymer "5'-D(*CP*AP*GP*TP*AP*T)-3'"
3 polymer "5'-D(P*GP*CP*CP*G)-3'"
4 polymer 'DNA polymerase mu'
5 non-polymer 'MAGNESIUM ION'
6 non-polymer 'SODIUM ION'
7 non-polymer "2',3'-DIDEOXY-THYMIDINE-5'-TRIPHOSPHATE"
8 water water
#
loop_
_entity_poly.entity_id
_entity_poly.type
_entity_poly.pdbx_seq_one_letter_code
_entity_poly.pdbx_strand_id
1 'polydeoxyribonucleotide' (DC)(DG)(DG)(DC)(DA)(DA)(DT)(DA)(DC)(DT)(DG) T,U
2 'polydeoxyribonucleotide' (DC)(DA)(DG)(DT)(DA)(DT) P,Q
3 'polydeoxyribonucleotide' (DG)(DC)(DC)(DG) D,E
4 'polypeptide(L)'
;SMPAYACQRPSPLTHHNTLLSEALETLAEAAGFEANEGRLLSFSRAASVLKSLPCPVASLSQLHGLPYFGEHSTRVIQEL
LEHGTCEEVKQVRCSERYQTMKLFTQVFGVGVKTANRWYQEGLRTLDELREQPQRLTQQQKAGLQYYQDLSTPVRRADAE
ALQQLIEAAVRQTLPGATVTLTGGFRRGKLQGHDVDFLITHPEEGQEVGLLPKVMSCLQSQGLVLYHQYHRSHLADSAHN
LRQRSSTMDVFERSFCILGLPQPQQAALAGALPPCPTWKAVRVDLVVTPSSQFPFALLGWTGSQFFERELRRFSRQEKGL
WLNSHGLFDPEQKRVFHATSEEDVFRLLGLKYLPPEQRNA
;
A,B
#
# COMPACT_ATOMS: atom_id res chain seq x y z
N SER G 1 22.02 17.07 8.31
CA SER G 1 22.65 16.58 9.57
C SER G 1 21.67 15.75 10.40
N MET G 2 21.42 14.53 9.95
CA MET G 2 20.52 13.61 10.62
C MET G 2 21.12 12.21 10.54
N PRO G 3 21.90 11.80 11.55
CA PRO G 3 22.52 10.48 11.57
C PRO G 3 21.49 9.40 11.21
N ALA G 4 21.94 8.38 10.49
CA ALA G 4 21.07 7.29 10.04
C ALA G 4 20.62 6.32 11.11
N TYR G 5 21.53 5.96 12.02
CA TYR G 5 21.20 5.02 13.08
C TYR G 5 20.59 5.76 14.28
N ALA G 6 19.50 5.20 14.81
CA ALA G 6 18.78 5.80 15.92
C ALA G 6 19.61 5.88 17.20
N CYS G 7 20.68 5.11 17.26
CA CYS G 7 21.53 5.13 18.44
C CYS G 7 22.55 6.27 18.33
N GLN G 8 22.49 7.02 17.23
CA GLN G 8 23.39 8.14 17.01
C GLN G 8 22.68 9.48 17.29
N ARG G 9 21.36 9.43 17.48
CA ARG G 9 20.59 10.64 17.72
C ARG G 9 19.65 10.49 18.91
N PRO G 10 19.35 11.60 19.60
CA PRO G 10 18.45 11.46 20.74
C PRO G 10 16.98 11.24 20.34
N SER G 11 16.30 10.42 21.13
CA SER G 11 14.88 10.10 20.92
C SER G 11 14.19 10.28 22.26
N PRO G 12 13.68 11.50 22.53
CA PRO G 12 13.00 11.86 23.79
C PRO G 12 11.63 11.22 24.03
N LEU G 13 11.16 11.32 25.27
CA LEU G 13 9.85 10.77 25.67
C LEU G 13 8.72 11.39 24.86
N THR G 14 8.81 12.70 24.64
CA THR G 14 7.80 13.46 23.90
C THR G 14 8.49 14.23 22.78
N HIS G 15 7.94 14.21 21.57
CA HIS G 15 8.55 14.92 20.47
C HIS G 15 7.62 15.86 19.69
N HIS G 16 8.00 16.18 18.46
CA HIS G 16 7.24 17.13 17.66
C HIS G 16 6.53 16.62 16.41
N ASN G 17 6.38 15.31 16.27
CA ASN G 17 5.72 14.79 15.07
C ASN G 17 4.92 13.53 15.37
N THR G 18 4.22 13.59 16.49
CA THR G 18 3.40 12.48 16.96
C THR G 18 2.44 11.92 15.92
N LEU G 19 1.62 12.79 15.36
CA LEU G 19 0.65 12.38 14.35
C LEU G 19 1.32 11.62 13.21
N LEU G 20 2.43 12.17 12.72
CA LEU G 20 3.15 11.57 11.61
C LEU G 20 3.80 10.23 11.94
N SER G 21 4.48 10.16 13.07
CA SER G 21 5.15 8.93 13.42
C SER G 21 4.14 7.83 13.73
N GLU G 22 2.99 8.19 14.28
CA GLU G 22 2.01 7.17 14.58
C GLU G 22 1.47 6.57 13.30
N ALA G 23 1.38 7.41 12.27
CA ALA G 23 0.87 6.95 10.98
C ALA G 23 1.80 5.88 10.42
N LEU G 24 3.11 6.17 10.43
CA LEU G 24 4.11 5.23 9.94
C LEU G 24 4.16 3.98 10.79
N GLU G 25 4.08 4.13 12.10
CA GLU G 25 4.11 2.97 12.97
C GLU G 25 2.90 2.08 12.75
N THR G 26 1.77 2.65 12.32
CA THR G 26 0.60 1.83 12.05
C THR G 26 0.90 0.95 10.83
N LEU G 27 1.55 1.52 9.82
CA LEU G 27 1.91 0.73 8.64
C LEU G 27 2.91 -0.36 9.07
N ALA G 28 3.88 0.03 9.90
CA ALA G 28 4.88 -0.90 10.40
C ALA G 28 4.17 -2.08 11.03
N GLU G 29 3.17 -1.77 11.86
CA GLU G 29 2.38 -2.80 12.53
C GLU G 29 1.62 -3.63 11.50
N ALA G 30 0.94 -2.97 10.57
CA ALA G 30 0.19 -3.68 9.53
C ALA G 30 1.07 -4.63 8.73
N ALA G 31 2.26 -4.16 8.38
CA ALA G 31 3.21 -4.98 7.63
C ALA G 31 3.52 -6.20 8.48
N GLY G 32 3.73 -5.95 9.77
CA GLY G 32 4.03 -7.02 10.70
C GLY G 32 2.95 -8.08 10.62
N PHE G 33 1.69 -7.64 10.66
CA PHE G 33 0.56 -8.55 10.59
C PHE G 33 0.55 -9.31 9.26
N GLU G 34 1.13 -8.72 8.23
CA GLU G 34 1.17 -9.37 6.93
C GLU G 34 2.48 -10.14 6.81
N ALA G 35 3.17 -10.26 7.93
CA ALA G 35 4.43 -10.98 8.05
C ALA G 35 5.58 -10.44 7.21
N ASN G 36 5.65 -9.12 7.07
N ASN G 36 5.66 -9.12 7.05
CA ASN G 36 6.71 -8.50 6.31
CA ASN G 36 6.77 -8.56 6.29
C ASN G 36 7.60 -7.69 7.25
C ASN G 36 7.62 -7.71 7.21
N GLU G 37 8.56 -8.35 7.89
CA GLU G 37 9.47 -7.69 8.82
C GLU G 37 10.39 -6.71 8.10
N GLY G 38 10.52 -6.88 6.79
CA GLY G 38 11.36 -5.98 6.02
C GLY G 38 10.67 -4.62 5.99
N ARG G 39 9.42 -4.60 5.55
CA ARG G 39 8.63 -3.38 5.46
C ARG G 39 8.37 -2.77 6.83
N LEU G 40 8.11 -3.64 7.81
CA LEU G 40 7.87 -3.16 9.17
C LEU G 40 9.08 -2.37 9.63
N LEU G 41 10.26 -2.94 9.40
CA LEU G 41 11.52 -2.33 9.83
C LEU G 41 11.76 -0.99 9.14
N SER G 42 11.50 -0.93 7.84
CA SER G 42 11.71 0.30 7.11
C SER G 42 10.78 1.42 7.59
N PHE G 43 9.50 1.10 7.82
CA PHE G 43 8.55 2.09 8.31
C PHE G 43 8.97 2.53 9.71
N SER G 44 9.35 1.56 10.54
CA SER G 44 9.77 1.85 11.90
C SER G 44 10.94 2.83 11.92
N ARG G 45 11.87 2.69 10.99
CA ARG G 45 13.04 3.58 10.93
C ARG G 45 12.65 5.00 10.55
N ALA G 46 11.67 5.13 9.65
CA ALA G 46 11.22 6.44 9.23
C ALA G 46 10.53 7.09 10.42
N ALA G 47 9.71 6.32 11.11
CA ALA G 47 8.98 6.82 12.27
C ALA G 47 9.99 7.31 13.29
N SER G 48 11.06 6.54 13.48
CA SER G 48 12.11 6.87 14.43
C SER G 48 12.79 8.19 14.03
N VAL G 49 12.97 8.39 12.73
CA VAL G 49 13.59 9.63 12.25
C VAL G 49 12.73 10.81 12.70
N LEU G 50 11.41 10.67 12.51
CA LEU G 50 10.48 11.73 12.88
C LEU G 50 10.52 12.08 14.37
N LYS G 51 10.60 11.06 15.21
CA LYS G 51 10.65 11.27 16.66
C LYS G 51 11.88 12.10 17.02
N SER G 52 12.91 12.05 16.17
CA SER G 52 14.15 12.78 16.44
C SER G 52 14.18 14.22 15.95
N LEU G 53 13.38 14.56 14.95
CA LEU G 53 13.37 15.92 14.42
C LEU G 53 13.17 16.95 15.52
N PRO G 54 13.97 18.03 15.49
CA PRO G 54 13.94 19.15 16.46
C PRO G 54 12.64 19.94 16.48
N CYS G 55 11.89 19.88 15.39
CA CYS G 55 10.63 20.62 15.31
C CYS G 55 9.71 19.90 14.36
N PRO G 56 8.41 20.27 14.35
CA PRO G 56 7.44 19.63 13.45
C PRO G 56 7.72 19.87 11.98
N VAL G 57 7.37 18.89 11.15
CA VAL G 57 7.54 18.98 9.71
C VAL G 57 6.41 19.83 9.15
N ALA G 58 6.71 21.08 8.83
CA ALA G 58 5.71 22.01 8.29
C ALA G 58 5.61 21.88 6.77
N SER G 59 6.76 21.76 6.12
CA SER G 59 6.79 21.65 4.67
C SER G 59 7.32 20.28 4.28
N LEU G 60 6.75 19.73 3.21
CA LEU G 60 7.15 18.43 2.69
C LEU G 60 8.62 18.42 2.30
N SER G 61 9.21 19.59 2.14
CA SER G 61 10.62 19.70 1.75
C SER G 61 11.59 19.51 2.90
N GLN G 62 11.10 19.64 4.13
CA GLN G 62 11.95 19.45 5.30
C GLN G 62 12.35 17.99 5.39
N LEU G 63 11.78 17.18 4.50
CA LEU G 63 12.06 15.75 4.44
C LEU G 63 13.34 15.50 3.65
N HIS G 64 13.58 16.32 2.65
CA HIS G 64 14.77 16.21 1.82
C HIS G 64 16.00 16.05 2.70
N GLY G 65 16.80 15.03 2.41
CA GLY G 65 18.00 14.79 3.19
C GLY G 65 17.75 13.77 4.28
N LEU G 66 16.56 13.79 4.87
CA LEU G 66 16.24 12.84 5.91
C LEU G 66 16.36 11.42 5.43
N PRO G 67 17.18 10.61 6.10
CA PRO G 67 17.32 9.23 5.68
C PRO G 67 16.01 8.43 5.83
N TYR G 68 16.06 7.19 5.40
CA TYR G 68 14.94 6.26 5.48
C TYR G 68 13.57 6.75 5.01
N PHE G 69 13.55 7.78 4.17
CA PHE G 69 12.30 8.30 3.64
C PHE G 69 12.12 8.08 2.14
N GLY G 70 11.64 6.89 1.77
CA GLY G 70 11.44 6.55 0.36
C GLY G 70 10.20 7.19 -0.25
N GLU G 71 9.66 6.59 -1.31
CA GLU G 71 8.48 7.16 -1.98
C GLU G 71 7.23 6.93 -1.15
N HIS G 72 7.15 5.75 -0.55
CA HIS G 72 6.00 5.38 0.24
C HIS G 72 5.86 6.17 1.52
N SER G 73 6.91 6.19 2.35
CA SER G 73 6.84 6.94 3.59
C SER G 73 6.54 8.39 3.25
N THR G 74 7.13 8.85 2.14
CA THR G 74 6.98 10.22 1.68
C THR G 74 5.55 10.56 1.26
N ARG G 75 4.88 9.67 0.54
CA ARG G 75 3.51 9.98 0.12
C ARG G 75 2.60 10.08 1.33
N VAL G 76 2.79 9.19 2.30
CA VAL G 76 1.95 9.19 3.49
C VAL G 76 2.08 10.52 4.22
N ILE G 77 3.32 10.94 4.48
CA ILE G 77 3.55 12.21 5.18
C ILE G 77 2.87 13.34 4.42
N GLN G 78 3.20 13.46 3.14
CA GLN G 78 2.62 14.50 2.29
C GLN G 78 1.13 14.57 2.49
N GLU G 79 0.47 13.42 2.38
CA GLU G 79 -0.98 13.35 2.53
C GLU G 79 -1.51 13.88 3.86
N LEU G 80 -0.78 13.61 4.94
CA LEU G 80 -1.20 14.08 6.25
C LEU G 80 -0.91 15.58 6.39
N LEU G 81 0.10 16.04 5.65
CA LEU G 81 0.48 17.44 5.68
C LEU G 81 -0.53 18.35 4.99
N GLU G 82 -1.23 17.85 3.99
CA GLU G 82 -2.21 18.68 3.32
C GLU G 82 -3.65 18.47 3.81
N HIS G 83 -4.10 17.22 3.84
CA HIS G 83 -5.46 16.92 4.27
C HIS G 83 -5.56 16.44 5.72
N GLY G 84 -4.41 16.37 6.40
CA GLY G 84 -4.41 15.92 7.78
C GLY G 84 -4.90 14.51 8.02
N THR G 85 -4.81 13.67 6.98
CA THR G 85 -5.25 12.27 7.05
C THR G 85 -4.68 11.47 5.87
N CYS G 86 -4.43 10.19 6.10
CA CYS G 86 -3.92 9.31 5.06
C CYS G 86 -4.91 8.18 4.83
N GLU G 87 -5.28 7.95 3.58
CA GLU G 87 -6.25 6.91 3.25
C GLU G 87 -5.74 5.50 3.50
N GLU G 88 -4.48 5.25 3.15
CA GLU G 88 -3.93 3.92 3.36
C GLU G 88 -4.02 3.62 4.85
N VAL G 89 -3.62 4.59 5.66
CA VAL G 89 -3.63 4.43 7.11
C VAL G 89 -5.01 4.30 7.72
N LYS G 90 -5.97 5.05 7.19
CA LYS G 90 -7.32 4.97 7.73
C LYS G 90 -8.00 3.66 7.36
N GLN G 91 -7.71 3.14 6.17
CA GLN G 91 -8.33 1.89 5.73
C GLN G 91 -7.75 0.74 6.55
N VAL G 92 -6.48 0.87 6.91
CA VAL G 92 -5.83 -0.14 7.72
C VAL G 92 -6.51 -0.14 9.09
N ARG G 93 -6.59 1.02 9.71
CA ARG G 93 -7.19 1.15 11.03
C ARG G 93 -8.65 0.74 11.10
N CYS G 94 -9.39 0.92 10.02
CA CYS G 94 -10.80 0.58 10.03
C CYS G 94 -11.09 -0.86 9.60
N SER G 95 -10.11 -1.51 8.98
CA SER G 95 -10.29 -2.87 8.49
C SER G 95 -10.45 -3.94 9.56
N GLU G 96 -11.32 -4.91 9.29
CA GLU G 96 -11.56 -6.00 10.22
C GLU G 96 -10.28 -6.79 10.55
N ARG G 97 -9.46 -7.07 9.54
CA ARG G 97 -8.23 -7.81 9.74
C ARG G 97 -7.25 -7.16 10.74
N TYR G 98 -6.90 -5.90 10.51
CA TYR G 98 -5.98 -5.17 11.40
C TYR G 98 -6.49 -5.15 12.84
N GLN G 99 -7.78 -4.87 13.00
CA GLN G 99 -8.36 -4.79 14.34
C GLN G 99 -8.33 -6.13 15.07
N THR G 100 -8.47 -7.23 14.35
CA THR G 100 -8.49 -8.53 14.99
C THR G 100 -7.07 -9.00 15.29
N MET G 101 -6.17 -8.85 14.32
CA MET G 101 -4.78 -9.24 14.51
C MET G 101 -4.22 -8.50 15.73
N LYS G 102 -4.67 -7.25 15.90
CA LYS G 102 -4.23 -6.43 17.03
C LYS G 102 -4.73 -7.06 18.33
N LEU G 103 -6.03 -7.29 18.40
CA LEU G 103 -6.65 -7.89 19.58
C LEU G 103 -6.02 -9.23 19.94
N PHE G 104 -5.79 -10.07 18.95
CA PHE G 104 -5.20 -11.38 19.20
C PHE G 104 -3.74 -11.27 19.63
N THR G 105 -2.96 -10.43 18.96
CA THR G 105 -1.56 -10.32 19.31
C THR G 105 -1.27 -9.69 20.68
N GLN G 106 -2.23 -8.99 21.29
CA GLN G 106 -1.94 -8.44 22.62
C GLN G 106 -2.16 -9.49 23.71
N VAL G 107 -2.59 -10.68 23.29
CA VAL G 107 -2.77 -11.76 24.25
C VAL G 107 -1.37 -12.37 24.40
N PHE G 108 -0.89 -12.44 25.64
CA PHE G 108 0.43 -13.01 25.93
C PHE G 108 0.55 -14.44 25.38
N GLY G 109 1.52 -14.67 24.51
CA GLY G 109 1.70 -16.00 23.94
C GLY G 109 1.24 -16.09 22.50
N VAL G 110 0.51 -15.07 22.06
CA VAL G 110 0.01 -15.06 20.70
C VAL G 110 0.83 -14.15 19.81
N GLY G 111 1.37 -14.69 18.74
CA GLY G 111 2.16 -13.89 17.81
C GLY G 111 1.42 -13.70 16.50
N VAL G 112 2.10 -13.29 15.45
CA VAL G 112 1.48 -13.07 14.17
C VAL G 112 1.00 -14.36 13.47
N LYS G 113 1.77 -15.44 13.57
CA LYS G 113 1.39 -16.69 12.94
C LYS G 113 0.12 -17.27 13.54
N THR G 114 0.11 -17.43 14.85
CA THR G 114 -1.05 -17.99 15.52
C THR G 114 -2.26 -17.12 15.24
N ALA G 115 -2.08 -15.81 15.38
CA ALA G 115 -3.15 -14.85 15.14
C ALA G 115 -3.75 -15.00 13.74
N ASN G 116 -2.88 -15.11 12.74
CA ASN G 116 -3.32 -15.25 11.37
C ASN G 116 -4.10 -16.56 11.17
N ARG G 117 -3.54 -17.67 11.64
CA ARG G 117 -4.21 -18.98 11.51
C ARG G 117 -5.63 -18.91 12.05
N TRP G 118 -5.77 -18.32 13.24
CA TRP G 118 -7.08 -18.20 13.88
C TRP G 118 -7.99 -17.27 13.10
N TYR G 119 -7.40 -16.25 12.47
CA TYR G 119 -8.19 -15.32 11.71
C TYR G 119 -8.75 -16.06 10.50
N GLN G 120 -7.85 -16.64 9.71
CA GLN G 120 -8.25 -17.37 8.51
C GLN G 120 -9.31 -18.43 8.80
N GLU G 121 -9.36 -18.91 10.04
CA GLU G 121 -10.34 -19.91 10.43
C GLU G 121 -11.68 -19.29 10.78
N GLY G 122 -11.77 -17.97 10.74
CA GLY G 122 -13.03 -17.31 11.05
C GLY G 122 -13.23 -16.87 12.50
N LEU G 123 -12.22 -17.08 13.33
CA LEU G 123 -12.30 -16.68 14.74
C LEU G 123 -12.13 -15.15 14.87
N ARG G 124 -12.96 -14.53 15.70
CA ARG G 124 -12.94 -13.06 15.86
C ARG G 124 -12.92 -12.50 17.28
N THR G 125 -13.05 -13.35 18.30
CA THR G 125 -13.07 -12.85 19.66
C THR G 125 -12.23 -13.67 20.64
N LEU G 126 -11.90 -13.08 21.78
CA LEU G 126 -11.13 -13.82 22.76
C LEU G 126 -11.95 -15.00 23.27
N ASP G 127 -13.24 -14.78 23.56
CA ASP G 127 -14.08 -15.86 24.04
C ASP G 127 -14.14 -17.04 23.08
N GLU G 128 -14.00 -16.78 21.79
CA GLU G 128 -14.04 -17.88 20.84
C GLU G 128 -12.77 -18.71 21.01
N LEU G 129 -11.69 -18.06 21.41
CA LEU G 129 -10.42 -18.74 21.60
C LEU G 129 -10.40 -19.58 22.87
N ARG G 130 -11.14 -19.14 23.87
CA ARG G 130 -11.20 -19.83 25.16
C ARG G 130 -11.96 -21.15 25.08
N GLU G 131 -12.86 -21.24 24.11
CA GLU G 131 -13.66 -22.44 23.91
C GLU G 131 -12.83 -23.63 23.42
N GLN G 132 -11.67 -23.34 22.83
CA GLN G 132 -10.77 -24.38 22.34
C GLN G 132 -9.52 -24.45 23.23
N PRO G 133 -9.67 -24.93 24.48
CA PRO G 133 -8.52 -25.04 25.40
C PRO G 133 -7.42 -26.02 25.03
N GLN G 134 -7.81 -27.23 24.60
CA GLN G 134 -6.84 -28.27 24.23
C GLN G 134 -6.15 -27.98 22.90
N ARG G 135 -5.68 -26.75 22.76
CA ARG G 135 -5.02 -26.30 21.54
C ARG G 135 -3.99 -25.22 21.91
N LEU G 136 -4.28 -24.50 22.99
CA LEU G 136 -3.46 -23.40 23.50
C LEU G 136 -2.19 -23.78 24.28
N THR G 137 -1.09 -23.13 23.91
CA THR G 137 0.19 -23.31 24.60
C THR G 137 -0.06 -22.78 26.02
N GLN G 138 0.74 -23.23 26.98
CA GLN G 138 0.58 -22.78 28.36
C GLN G 138 0.72 -21.26 28.45
N GLN G 139 1.60 -20.72 27.63
CA GLN G 139 1.84 -19.29 27.59
C GLN G 139 0.52 -18.57 27.27
N GLN G 140 -0.21 -19.10 26.29
CA GLN G 140 -1.49 -18.53 25.86
C GLN G 140 -2.63 -18.77 26.84
N LYS G 141 -2.65 -19.93 27.49
CA LYS G 141 -3.71 -20.20 28.45
C LYS G 141 -3.62 -19.16 29.56
N ALA G 142 -2.39 -18.76 29.85
CA ALA G 142 -2.11 -17.74 30.86
C ALA G 142 -2.55 -16.37 30.38
N GLY G 143 -2.14 -16.04 29.15
CA GLY G 143 -2.50 -14.75 28.57
C GLY G 143 -4.01 -14.54 28.56
N LEU G 144 -4.75 -15.60 28.25
CA LEU G 144 -6.20 -15.48 28.22
C LEU G 144 -6.74 -15.47 29.64
N GLN G 145 -6.16 -16.26 30.51
CA GLN G 145 -6.66 -16.33 31.88
C GLN G 145 -6.53 -15.05 32.67
N TYR G 146 -5.46 -14.31 32.43
CA TYR G 146 -5.26 -13.06 33.16
C TYR G 146 -5.29 -11.90 32.18
N TYR G 147 -5.99 -12.09 31.07
CA TYR G 147 -6.06 -11.07 30.02
C TYR G 147 -6.33 -9.66 30.49
N GLN G 148 -7.33 -9.50 31.35
CA GLN G 148 -7.73 -8.20 31.85
C GLN G 148 -6.63 -7.49 32.62
N ASP G 149 -5.97 -8.22 33.50
CA ASP G 149 -4.90 -7.64 34.27
C ASP G 149 -3.70 -7.30 33.39
N LEU G 150 -3.33 -8.20 32.50
CA LEU G 150 -2.17 -7.95 31.66
C LEU G 150 -2.38 -6.82 30.64
N SER G 151 -3.64 -6.43 30.43
CA SER G 151 -3.97 -5.37 29.49
C SER G 151 -4.01 -4.03 30.20
N THR G 152 -4.09 -4.08 31.52
CA THR G 152 -4.12 -2.87 32.33
C THR G 152 -2.69 -2.38 32.43
N PRO G 153 -2.43 -1.16 31.95
CA PRO G 153 -1.08 -0.57 32.00
C PRO G 153 -0.51 -0.72 33.39
N VAL G 154 0.78 -1.01 33.50
CA VAL G 154 1.42 -1.13 34.81
C VAL G 154 1.79 0.30 35.23
N ARG G 155 1.63 0.62 36.51
CA ARG G 155 1.96 1.96 36.98
C ARG G 155 3.31 1.96 37.72
N ARG G 156 3.97 3.12 37.77
CA ARG G 156 5.25 3.19 38.46
C ARG G 156 5.10 2.66 39.85
N ALA G 157 3.94 2.90 40.47
CA ALA G 157 3.70 2.44 41.84
C ALA G 157 3.64 0.91 41.86
N ASP G 158 3.18 0.30 40.79
CA ASP G 158 3.17 -1.17 40.78
C ASP G 158 4.64 -1.63 40.68
N ALA G 159 5.42 -0.91 39.90
CA ALA G 159 6.83 -1.25 39.71
C ALA G 159 7.58 -1.12 41.04
N GLU G 160 7.26 -0.08 41.79
CA GLU G 160 7.87 0.18 43.08
C GLU G 160 7.61 -0.99 44.02
N ALA G 161 6.34 -1.29 44.22
CA ALA G 161 5.92 -2.37 45.11
C ALA G 161 6.64 -3.68 44.75
N LEU G 162 6.72 -3.98 43.45
CA LEU G 162 7.39 -5.20 43.04
C LEU G 162 8.88 -5.12 43.36
N GLN G 163 9.45 -3.92 43.26
CA GLN G 163 10.86 -3.79 43.54
C GLN G 163 11.10 -4.04 45.02
N GLN G 164 10.08 -3.77 45.84
CA GLN G 164 10.19 -3.97 47.29
C GLN G 164 10.19 -5.46 47.57
N LEU G 165 9.29 -6.20 46.92
CA LEU G 165 9.20 -7.63 47.14
C LEU G 165 10.43 -8.34 46.59
N ILE G 166 10.94 -7.89 45.45
CA ILE G 166 12.11 -8.51 44.87
C ILE G 166 13.32 -8.27 45.77
N GLU G 167 13.64 -7.01 46.04
CA GLU G 167 14.79 -6.70 46.90
C GLU G 167 14.73 -7.47 48.23
N ALA G 168 13.55 -7.55 48.84
CA ALA G 168 13.42 -8.30 50.09
C ALA G 168 13.85 -9.74 49.84
N ALA G 169 13.35 -10.34 48.77
CA ALA G 169 13.70 -11.72 48.42
C ALA G 169 15.21 -11.85 48.27
N VAL G 170 15.81 -11.03 47.41
CA VAL G 170 17.25 -11.06 47.20
C VAL G 170 18.02 -10.91 48.52
N ARG G 171 17.46 -10.09 49.41
CA ARG G 171 18.08 -9.83 50.70
C ARG G 171 18.12 -11.07 51.61
N GLN G 172 17.26 -12.04 51.33
CA GLN G 172 17.21 -13.26 52.13
C GLN G 172 18.37 -14.18 51.75
N THR G 173 19.07 -13.86 50.68
CA THR G 173 20.18 -14.70 50.22
C THR G 173 21.50 -13.97 50.03
N LEU G 174 21.47 -12.90 49.27
CA LEU G 174 22.68 -12.17 48.96
C LEU G 174 22.73 -10.73 49.46
N PRO G 175 23.35 -10.51 50.63
CA PRO G 175 23.43 -9.15 51.16
C PRO G 175 24.31 -8.32 50.23
N GLY G 176 23.96 -7.06 50.04
CA GLY G 176 24.72 -6.20 49.17
C GLY G 176 24.43 -6.35 47.69
N ALA G 177 23.36 -7.07 47.35
CA ALA G 177 23.00 -7.25 45.95
C ALA G 177 22.18 -6.03 45.54
N THR G 178 22.25 -5.65 44.27
CA THR G 178 21.49 -4.49 43.83
C THR G 178 20.44 -4.86 42.77
N VAL G 179 19.23 -4.36 42.98
CA VAL G 179 18.12 -4.59 42.07
C VAL G 179 17.86 -3.28 41.32
N THR G 180 17.98 -3.30 40.00
CA THR G 180 17.77 -2.10 39.17
C THR G 180 16.55 -2.26 38.25
N LEU G 181 15.69 -1.24 38.23
CA LEU G 181 14.50 -1.22 37.40
C LEU G 181 14.93 -0.83 35.99
N THR G 182 14.66 -1.68 35.01
CA THR G 182 15.06 -1.37 33.65
C THR G 182 13.81 -1.18 32.81
N GLY G 183 13.92 -1.40 31.51
CA GLY G 183 12.76 -1.22 30.67
C GLY G 183 12.32 0.22 30.58
N GLY G 184 11.13 0.42 30.04
CA GLY G 184 10.56 1.74 29.88
C GLY G 184 10.55 2.68 31.06
N PHE G 185 10.34 2.16 32.26
CA PHE G 185 10.35 3.04 33.42
C PHE G 185 11.70 3.75 33.56
N ARG G 186 12.79 3.00 33.32
CA ARG G 186 14.11 3.60 33.43
C ARG G 186 14.24 4.68 32.38
N ARG G 187 13.49 4.54 31.29
CA ARG G 187 13.52 5.54 30.25
C ARG G 187 12.60 6.73 30.60
N GLY G 188 11.94 6.65 31.76
CA GLY G 188 11.06 7.73 32.21
C GLY G 188 9.56 7.58 31.99
N LYS G 189 9.12 6.51 31.34
CA LYS G 189 7.70 6.32 31.09
C LYS G 189 6.90 6.19 32.38
N LEU G 190 5.60 6.47 32.28
CA LEU G 190 4.70 6.37 33.42
C LEU G 190 4.00 5.01 33.43
N GLN G 191 4.08 4.30 32.32
CA GLN G 191 3.40 3.01 32.19
C GLN G 191 4.19 1.97 31.39
N GLY G 192 3.82 0.72 31.54
CA GLY G 192 4.46 -0.35 30.80
C GLY G 192 3.51 -1.53 30.75
N HIS G 193 3.87 -2.55 29.99
CA HIS G 193 3.01 -3.72 29.92
C HIS G 193 3.55 -4.72 30.93
N ASP G 194 4.71 -4.40 31.48
CA ASP G 194 5.35 -5.27 32.47
C ASP G 194 6.42 -4.52 33.27
N VAL G 195 7.10 -5.25 34.15
CA VAL G 195 8.17 -4.66 34.95
C VAL G 195 9.45 -5.47 34.77
N ASP G 196 10.54 -4.78 34.47
CA ASP G 196 11.85 -5.39 34.26
C ASP G 196 12.85 -5.07 35.37
N PHE G 197 13.49 -6.10 35.92
CA PHE G 197 14.48 -5.91 36.98
C PHE G 197 15.80 -6.59 36.63
N LEU G 198 16.90 -5.90 36.88
CA LEU G 198 18.22 -6.42 36.63
C LEU G 198 18.94 -6.48 37.98
N ILE G 199 19.38 -7.68 38.36
CA ILE G 199 20.05 -7.90 39.62
C ILE G 199 21.53 -8.19 39.40
N THR G 200 22.36 -7.80 40.37
CA THR G 200 23.79 -8.07 40.28
C THR G 200 24.47 -7.83 41.62
N HIS G 201 25.76 -8.12 41.67
CA HIS G 201 26.54 -7.94 42.88
C HIS G 201 27.96 -7.56 42.50
N PRO G 202 28.56 -6.62 43.26
CA PRO G 202 29.93 -6.14 43.01
C PRO G 202 30.99 -7.23 42.90
N GLU G 203 30.86 -8.25 43.74
CA GLU G 203 31.81 -9.36 43.75
C GLU G 203 31.44 -10.51 42.80
N GLU G 204 32.18 -10.63 41.70
CA GLU G 204 31.95 -11.67 40.70
C GLU G 204 31.79 -13.04 41.35
N GLY G 205 30.78 -13.78 40.93
CA GLY G 205 30.55 -15.10 41.45
C GLY G 205 29.65 -15.13 42.67
N GLN G 206 29.64 -14.04 43.43
CA GLN G 206 28.81 -13.98 44.62
C GLN G 206 27.33 -13.94 44.28
N GLU G 207 27.02 -13.98 42.98
CA GLU G 207 25.62 -13.93 42.54
C GLU G 207 25.16 -15.17 41.75
N VAL G 208 26.00 -16.20 41.71
CA VAL G 208 25.64 -17.42 40.98
C VAL G 208 24.59 -18.21 41.75
N GLY G 209 23.59 -18.71 41.03
CA GLY G 209 22.54 -19.49 41.66
C GLY G 209 21.52 -18.67 42.45
N LEU G 210 21.56 -17.37 42.22
CA LEU G 210 20.66 -16.44 42.90
C LEU G 210 19.17 -16.55 42.53
N LEU G 211 18.86 -16.49 41.24
CA LEU G 211 17.46 -16.53 40.79
C LEU G 211 16.60 -17.64 41.39
N PRO G 212 17.01 -18.91 41.23
CA PRO G 212 16.25 -20.03 41.77
C PRO G 212 15.78 -19.82 43.21
N LYS G 213 16.67 -19.31 44.05
CA LYS G 213 16.32 -19.08 45.44
C LYS G 213 15.36 -17.90 45.57
N VAL G 214 15.49 -16.94 44.67
CA VAL G 214 14.60 -15.78 44.69
C VAL G 214 13.21 -16.27 44.29
N MET G 215 13.16 -17.15 43.29
CA MET G 215 11.86 -17.67 42.83
C MET G 215 11.25 -18.56 43.92
N SER G 216 12.09 -19.40 44.53
CA SER G 216 11.65 -20.29 45.58
C SER G 216 11.00 -19.47 46.67
N CYS G 217 11.58 -18.30 46.92
CA CYS G 217 11.09 -17.38 47.93
C CYS G 217 9.72 -16.81 47.55
N LEU G 218 9.63 -16.27 46.34
CA LEU G 218 8.36 -15.71 45.87
C LEU G 218 7.31 -16.82 45.85
N GLN G 219 7.77 -18.01 45.50
CA GLN G 219 6.93 -19.18 45.45
C GLN G 219 6.28 -19.46 46.81
N SER G 220 7.09 -19.45 47.87
CA SER G 220 6.58 -19.70 49.20
C SER G 220 5.58 -18.63 49.61
N GLN G 221 5.76 -17.42 49.07
CA GLN G 221 4.85 -16.32 49.37
C GLN G 221 3.58 -16.50 48.53
N GLY G 222 3.57 -17.57 47.73
CA GLY G 222 2.43 -17.89 46.88
C GLY G 222 2.02 -16.81 45.91
N LEU G 223 3.01 -16.12 45.32
CA LEU G 223 2.74 -15.04 44.39
C LEU G 223 2.99 -15.41 42.93
N VAL G 224 3.74 -16.48 42.67
CA VAL G 224 4.03 -16.89 41.30
C VAL G 224 2.81 -17.54 40.63
N LEU G 225 2.32 -16.93 39.55
CA LEU G 225 1.15 -17.45 38.85
C LEU G 225 1.54 -18.17 37.57
N TYR G 226 2.72 -17.86 37.06
CA TYR G 226 3.22 -18.47 35.83
C TYR G 226 4.70 -18.16 35.81
N HIS G 227 5.49 -18.94 35.08
CA HIS G 227 6.92 -18.68 35.00
C HIS G 227 7.60 -19.54 33.95
N GLN G 228 8.80 -19.11 33.56
CA GLN G 228 9.61 -19.81 32.58
C GLN G 228 11.03 -19.42 32.95
N TYR G 229 11.91 -20.40 33.18
CA TYR G 229 13.28 -20.09 33.55
C TYR G 229 14.26 -20.25 32.40
N HIS G 230 15.21 -19.33 32.29
CA HIS G 230 16.20 -19.37 31.24
C HIS G 230 17.61 -19.55 31.77
N ARG G 231 18.49 -20.08 30.93
CA ARG G 231 19.89 -20.32 31.28
C ARG G 231 20.71 -19.89 30.07
N SER G 232 21.70 -19.04 30.29
CA SER G 232 22.53 -18.61 29.17
C SER G 232 23.50 -19.71 28.77
N HIS G 233 23.84 -19.76 27.48
CA HIS G 233 24.75 -20.77 26.96
C HIS G 233 26.10 -20.15 26.62
N ASP G 249 18.29 -27.01 38.20
CA ASP G 249 18.13 -25.56 38.15
C ASP G 249 19.36 -24.89 37.51
N VAL G 250 19.81 -23.79 38.12
CA VAL G 250 20.96 -23.01 37.65
C VAL G 250 20.60 -22.01 36.54
N PHE G 251 19.39 -21.48 36.59
CA PHE G 251 18.93 -20.53 35.58
C PHE G 251 19.19 -19.09 36.01
N GLU G 252 19.40 -18.21 35.02
CA GLU G 252 19.67 -16.80 35.29
C GLU G 252 18.52 -15.82 34.95
N ARG G 253 17.60 -16.21 34.05
CA ARG G 253 16.48 -15.33 33.71
C ARG G 253 15.14 -15.96 34.04
N SER G 254 14.22 -15.12 34.49
CA SER G 254 12.89 -15.59 34.85
C SER G 254 11.83 -14.71 34.25
N PHE G 255 11.04 -15.27 33.35
CA PHE G 255 9.96 -14.52 32.72
C PHE G 255 8.70 -15.08 33.35
N CYS G 256 8.01 -14.27 34.13
CA CYS G 256 6.82 -14.77 34.79
C CYS G 256 5.72 -13.76 35.02
N ILE G 257 4.68 -14.21 35.72
CA ILE G 257 3.55 -13.37 36.03
C ILE G 257 3.35 -13.49 37.54
N LEU G 258 3.35 -12.36 38.22
CA LEU G 258 3.17 -12.37 39.67
C LEU G 258 1.86 -11.75 40.12
N GLY G 259 1.31 -12.30 41.20
CA GLY G 259 0.08 -11.78 41.74
C GLY G 259 0.42 -10.68 42.72
N LEU G 260 0.41 -9.44 42.22
CA LEU G 260 0.72 -8.29 43.06
C LEU G 260 -0.48 -7.90 43.91
N PRO G 261 -0.42 -8.16 45.22
CA PRO G 261 -1.54 -7.78 46.07
C PRO G 261 -1.73 -6.26 46.09
N GLN G 262 -2.89 -5.81 46.56
CA GLN G 262 -3.21 -4.38 46.64
C GLN G 262 -4.12 -4.05 47.82
N PRO G 276 -11.36 -6.13 43.29
CA PRO G 276 -10.30 -7.13 43.31
C PRO G 276 -9.33 -6.85 44.46
N THR G 277 -8.62 -7.89 44.88
CA THR G 277 -7.67 -7.76 45.99
C THR G 277 -6.22 -7.90 45.49
N TRP G 278 -6.07 -8.45 44.29
CA TRP G 278 -4.75 -8.64 43.69
C TRP G 278 -4.83 -8.33 42.20
N LYS G 279 -3.67 -8.18 41.58
CA LYS G 279 -3.60 -7.87 40.16
C LYS G 279 -2.43 -8.64 39.56
N ALA G 280 -2.61 -9.20 38.37
CA ALA G 280 -1.56 -9.97 37.72
C ALA G 280 -0.67 -9.05 36.89
N VAL G 281 0.64 -9.18 37.11
CA VAL G 281 1.63 -8.39 36.41
C VAL G 281 2.75 -9.26 35.84
N ARG G 282 3.20 -8.91 34.64
CA ARG G 282 4.28 -9.62 34.00
C ARG G 282 5.54 -9.05 34.63
N VAL G 283 6.50 -9.91 34.94
CA VAL G 283 7.75 -9.49 35.56
C VAL G 283 8.89 -10.28 34.97
N ASP G 284 10.00 -9.63 34.66
CA ASP G 284 11.15 -10.38 34.14
C ASP G 284 12.35 -10.10 35.04
N LEU G 285 12.85 -11.17 35.66
CA LEU G 285 13.99 -11.06 36.54
C LEU G 285 15.23 -11.54 35.82
N VAL G 286 16.26 -10.71 35.82
CA VAL G 286 17.52 -11.04 35.18
C VAL G 286 18.70 -10.91 36.14
N VAL G 287 19.45 -11.99 36.31
CA VAL G 287 20.62 -11.99 37.18
C VAL G 287 21.83 -11.97 36.26
N THR G 288 22.70 -10.97 36.45
CA THR G 288 23.89 -10.82 35.62
C THR G 288 25.15 -10.56 36.44
N PRO G 289 26.31 -11.02 35.95
CA PRO G 289 27.55 -10.76 36.72
C PRO G 289 27.89 -9.29 36.52
N SER G 290 28.43 -8.64 37.55
CA SER G 290 28.76 -7.23 37.45
C SER G 290 29.81 -6.92 36.38
N SER G 291 30.50 -7.94 35.89
CA SER G 291 31.50 -7.71 34.85
C SER G 291 30.79 -7.37 33.55
N GLN G 292 29.57 -7.86 33.41
CA GLN G 292 28.80 -7.61 32.20
C GLN G 292 27.47 -6.91 32.45
N PHE G 293 27.35 -6.29 33.62
CA PHE G 293 26.15 -5.54 34.03
C PHE G 293 25.88 -4.37 33.06
N PRO G 294 26.94 -3.67 32.63
CA PRO G 294 26.73 -2.54 31.73
C PRO G 294 26.07 -2.95 30.41
N PHE G 295 26.27 -4.20 30.02
CA PHE G 295 25.68 -4.69 28.78
C PHE G 295 24.27 -5.18 29.02
N ALA G 296 24.05 -5.74 30.20
CA ALA G 296 22.73 -6.23 30.58
C ALA G 296 21.80 -5.03 30.69
N LEU G 297 22.25 -4.00 31.40
CA LEU G 297 21.47 -2.78 31.60
C LEU G 297 21.19 -2.11 30.26
N LEU G 298 22.20 -2.06 29.41
CA LEU G 298 22.05 -1.44 28.11
C LEU G 298 20.98 -2.13 27.27
N GLY G 299 21.02 -3.46 27.25
CA GLY G 299 20.05 -4.22 26.48
C GLY G 299 18.65 -4.18 27.05
N TRP G 300 18.53 -4.30 28.37
CA TRP G 300 17.21 -4.30 28.99
C TRP G 300 16.54 -2.94 29.21
N THR G 301 17.25 -1.86 28.91
CA THR G 301 16.70 -0.52 29.07
C THR G 301 15.93 -0.12 27.82
N GLY G 302 16.32 -0.66 26.68
CA GLY G 302 15.65 -0.37 25.43
C GLY G 302 15.83 1.07 24.95
N SER G 303 14.93 1.58 24.11
CA SER G 303 13.77 0.84 23.62
C SER G 303 14.10 -0.38 22.74
N GLN G 304 13.08 -1.19 22.46
CA GLN G 304 13.27 -2.38 21.64
C GLN G 304 13.94 -1.99 20.34
N PHE G 305 13.39 -0.98 19.68
CA PHE G 305 13.93 -0.54 18.40
C PHE G 305 15.33 0.05 18.58
N PHE G 306 15.59 0.56 19.77
CA PHE G 306 16.90 1.13 20.06
C PHE G 306 17.94 0.00 20.06
N GLU G 307 17.60 -1.13 20.69
CA GLU G 307 18.51 -2.27 20.72
C GLU G 307 18.88 -2.69 19.29
N ARG G 308 17.85 -2.85 18.46
CA ARG G 308 18.05 -3.25 17.06
C ARG G 308 19.02 -2.35 16.31
N GLU G 309 18.81 -1.03 16.37
CA GLU G 309 19.69 -0.10 15.68
C GLU G 309 21.09 -0.11 16.31
N LEU G 310 21.14 -0.36 17.60
CA LEU G 310 22.39 -0.42 18.34
C LEU G 310 23.21 -1.62 17.85
N ARG G 311 22.58 -2.79 17.84
CA ARG G 311 23.25 -4.02 17.44
C ARG G 311 23.56 -3.99 15.94
N ARG G 312 22.64 -3.45 15.16
CA ARG G 312 22.83 -3.34 13.73
C ARG G 312 24.03 -2.43 13.44
N PHE G 313 24.06 -1.29 14.13
CA PHE G 313 25.14 -0.32 13.99
C PHE G 313 26.47 -0.93 14.42
N SER G 314 26.43 -1.73 15.48
CA SER G 314 27.62 -2.38 15.97
C SER G 314 28.21 -3.21 14.85
N ARG G 315 27.36 -3.98 14.17
CA ARG G 315 27.82 -4.83 13.08
C ARG G 315 28.12 -4.07 11.80
N GLN G 316 27.06 -3.66 11.10
CA GLN G 316 27.19 -2.96 9.84
C GLN G 316 28.21 -1.80 9.78
N GLU G 317 28.49 -1.17 10.92
CA GLU G 317 29.43 -0.05 10.95
C GLU G 317 30.69 -0.28 11.77
N LYS G 318 30.79 -1.40 12.48
CA LYS G 318 31.95 -1.65 13.32
C LYS G 318 32.48 -3.07 13.34
N GLY G 319 31.96 -3.92 12.46
CA GLY G 319 32.41 -5.30 12.40
C GLY G 319 32.25 -6.08 13.69
N LEU G 320 31.80 -5.42 14.75
CA LEU G 320 31.62 -6.10 16.02
C LEU G 320 30.15 -6.44 16.23
N TRP G 321 29.89 -7.41 17.09
CA TRP G 321 28.52 -7.77 17.36
C TRP G 321 28.23 -7.60 18.85
N LEU G 322 27.09 -6.97 19.14
CA LEU G 322 26.68 -6.69 20.50
C LEU G 322 25.49 -7.51 20.96
N ASN G 323 25.54 -7.94 22.21
CA ASN G 323 24.44 -8.72 22.78
C ASN G 323 24.25 -8.29 24.23
N SER G 324 23.36 -8.95 24.93
CA SER G 324 23.08 -8.61 26.31
C SER G 324 24.23 -8.88 27.29
N HIS G 325 25.27 -9.56 26.84
CA HIS G 325 26.40 -9.88 27.73
C HIS G 325 27.69 -9.12 27.44
N GLY G 326 27.91 -8.74 26.19
CA GLY G 326 29.12 -8.01 25.88
C GLY G 326 29.23 -7.67 24.42
N LEU G 327 30.35 -7.04 24.07
CA LEU G 327 30.66 -6.65 22.70
C LEU G 327 31.72 -7.65 22.27
N PHE G 328 31.66 -8.15 21.04
CA PHE G 328 32.64 -9.15 20.61
C PHE G 328 33.21 -8.95 19.21
N ASP G 329 34.49 -9.27 19.06
CA ASP G 329 35.17 -9.17 17.76
C ASP G 329 35.24 -10.59 17.27
N PRO G 330 34.71 -10.87 16.07
CA PRO G 330 34.76 -12.23 15.52
C PRO G 330 36.19 -12.76 15.60
N GLU G 331 37.13 -11.87 15.33
CA GLU G 331 38.56 -12.15 15.35
C GLU G 331 39.11 -11.57 16.65
N GLN G 332 39.74 -12.42 17.45
CA GLN G 332 40.30 -11.99 18.73
C GLN G 332 41.39 -10.94 18.62
N LYS G 333 41.22 -10.02 17.68
CA LYS G 333 42.18 -8.94 17.48
C LYS G 333 42.01 -7.92 18.62
N ARG G 334 40.92 -8.09 19.38
CA ARG G 334 40.59 -7.23 20.52
C ARG G 334 39.48 -7.84 21.37
N VAL G 335 39.51 -7.55 22.67
CA VAL G 335 38.49 -8.04 23.62
C VAL G 335 37.89 -6.80 24.27
N PHE G 336 36.72 -6.95 24.90
CA PHE G 336 36.07 -5.78 25.51
C PHE G 336 35.59 -5.90 26.96
N HIS G 337 35.66 -4.78 27.67
CA HIS G 337 35.24 -4.66 29.06
C HIS G 337 34.48 -3.34 29.22
N ALA G 338 33.83 -3.16 30.37
CA ALA G 338 33.09 -1.93 30.63
C ALA G 338 32.65 -1.83 32.09
N THR G 339 32.52 -0.60 32.57
CA THR G 339 32.11 -0.34 33.94
C THR G 339 30.73 0.30 33.99
N SER G 340 30.41 1.07 32.96
CA SER G 340 29.13 1.75 32.87
C SER G 340 28.61 1.73 31.45
N GLU G 341 27.40 2.26 31.26
CA GLU G 341 26.82 2.31 29.93
C GLU G 341 27.62 3.31 29.13
N GLU G 342 28.16 4.32 29.81
CA GLU G 342 28.97 5.33 29.14
C GLU G 342 30.20 4.66 28.51
N ASP G 343 30.81 3.72 29.23
CA ASP G 343 31.97 3.01 28.69
C ASP G 343 31.57 2.33 27.38
N VAL G 344 30.48 1.56 27.42
CA VAL G 344 29.99 0.85 26.24
C VAL G 344 29.72 1.80 25.08
N PHE G 345 29.33 3.04 25.39
CA PHE G 345 29.08 4.02 24.34
C PHE G 345 30.42 4.49 23.76
N ARG G 346 31.47 4.49 24.57
CA ARG G 346 32.80 4.90 24.10
C ARG G 346 33.31 3.86 23.10
N LEU G 347 33.31 2.60 23.52
CA LEU G 347 33.78 1.49 22.71
C LEU G 347 33.19 1.47 21.31
N LEU G 348 31.97 1.99 21.17
CA LEU G 348 31.32 2.02 19.87
C LEU G 348 31.45 3.41 19.24
N GLY G 349 32.15 4.29 19.94
CA GLY G 349 32.32 5.65 19.44
C GLY G 349 30.99 6.33 19.20
N LEU G 350 30.09 6.22 20.17
CA LEU G 350 28.77 6.85 20.06
C LEU G 350 28.63 7.87 21.16
N LYS G 351 28.16 9.06 20.82
CA LYS G 351 27.97 10.08 21.82
C LYS G 351 26.95 9.48 22.80
N TYR G 352 27.19 9.64 24.10
CA TYR G 352 26.29 9.07 25.09
C TYR G 352 24.88 9.64 24.98
N LEU G 353 23.92 8.78 25.29
CA LEU G 353 22.50 9.14 25.29
C LEU G 353 21.95 8.51 26.55
N PRO G 354 21.48 9.34 27.50
CA PRO G 354 20.94 8.78 28.75
C PRO G 354 19.62 8.03 28.44
N PRO G 355 19.19 7.14 29.34
CA PRO G 355 17.96 6.35 29.18
C PRO G 355 16.78 7.08 28.54
N GLU G 356 16.52 8.29 29.04
CA GLU G 356 15.40 9.09 28.55
C GLU G 356 15.49 9.51 27.10
N GLN G 357 16.66 9.38 26.49
CA GLN G 357 16.77 9.77 25.09
C GLN G 357 16.80 8.56 24.13
N ARG G 358 16.53 7.36 24.66
CA ARG G 358 16.53 6.15 23.83
C ARG G 358 15.14 5.68 23.41
N ASN G 359 14.16 6.57 23.36
CA ASN G 359 12.81 6.16 22.99
C ASN G 359 12.65 6.13 21.48
N ALA G 360 13.43 5.25 20.85
CA ALA G 360 13.39 5.13 19.40
C ALA G 360 12.36 4.09 18.97
N SER H 1 9.32 18.34 -39.59
CA SER H 1 9.89 17.40 -38.57
C SER H 1 8.79 16.82 -37.67
N MET H 2 7.76 16.24 -38.30
CA MET H 2 6.67 15.62 -37.55
C MET H 2 6.76 14.10 -37.69
N PRO H 3 7.37 13.41 -36.71
CA PRO H 3 7.49 11.95 -36.77
C PRO H 3 6.16 11.29 -37.12
N ALA H 4 6.23 10.20 -37.88
CA ALA H 4 5.03 9.48 -38.35
C ALA H 4 4.20 8.71 -37.32
N TYR H 5 4.85 8.16 -36.29
CA TYR H 5 4.13 7.39 -35.28
C TYR H 5 3.87 8.26 -34.05
N ALA H 6 2.67 8.14 -33.49
CA ALA H 6 2.30 8.92 -32.32
C ALA H 6 3.17 8.56 -31.13
N CYS H 7 3.83 7.40 -31.20
CA CYS H 7 4.69 6.96 -30.12
C CYS H 7 6.08 7.62 -30.22
N GLN H 8 6.29 8.40 -31.28
CA GLN H 8 7.56 9.11 -31.48
C GLN H 8 7.47 10.62 -31.16
N ARG H 9 6.32 11.07 -30.66
CA ARG H 9 6.15 12.49 -30.34
C ARG H 9 5.11 12.66 -29.22
N PRO H 10 5.19 13.79 -28.48
CA PRO H 10 4.27 14.07 -27.38
C PRO H 10 2.83 14.34 -27.83
N SER H 11 1.88 13.97 -26.98
CA SER H 11 0.47 14.17 -27.26
C SER H 11 -0.17 14.61 -25.96
N PRO H 12 0.01 15.89 -25.58
CA PRO H 12 -0.55 16.42 -24.33
C PRO H 12 -2.08 16.46 -24.23
N LEU H 13 -2.56 16.37 -23.00
CA LEU H 13 -3.99 16.40 -22.68
C LEU H 13 -4.70 17.60 -23.33
N THR H 14 -3.99 18.71 -23.43
CA THR H 14 -4.50 19.94 -24.02
C THR H 14 -3.55 20.38 -25.13
N HIS H 15 -4.08 20.72 -26.30
CA HIS H 15 -3.23 21.15 -27.39
C HIS H 15 -3.76 22.45 -27.98
N HIS H 16 -3.24 22.82 -29.16
CA HIS H 16 -3.62 24.08 -29.80
C HIS H 16 -4.57 23.99 -30.99
N ASN H 17 -5.14 22.82 -31.26
CA ASN H 17 -6.03 22.69 -32.41
C ASN H 17 -7.29 21.88 -32.16
N THR H 18 -7.99 22.22 -31.08
CA THR H 18 -9.20 21.54 -30.67
C THR H 18 -10.31 21.44 -31.72
N LEU H 19 -10.71 22.56 -32.29
CA LEU H 19 -11.78 22.55 -33.28
C LEU H 19 -11.44 21.72 -34.51
N LEU H 20 -10.25 21.91 -35.05
CA LEU H 20 -9.82 21.16 -36.23
C LEU H 20 -9.78 19.68 -35.87
N SER H 21 -9.09 19.36 -34.78
CA SER H 21 -9.00 17.98 -34.34
C SER H 21 -10.35 17.29 -34.17
N GLU H 22 -11.32 17.96 -33.55
CA GLU H 22 -12.63 17.36 -33.35
C GLU H 22 -13.34 17.08 -34.67
N ALA H 23 -13.16 17.97 -35.65
CA ALA H 23 -13.78 17.79 -36.97
C ALA H 23 -13.40 16.42 -37.56
N LEU H 24 -12.09 16.17 -37.60
CA LEU H 24 -11.59 14.92 -38.14
C LEU H 24 -12.05 13.73 -37.32
N GLU H 25 -12.09 13.87 -35.99
CA GLU H 25 -12.50 12.75 -35.15
C GLU H 25 -13.95 12.36 -35.37
N THR H 26 -14.78 13.33 -35.68
CA THR H 26 -16.17 13.08 -35.95
C THR H 26 -16.24 12.26 -37.23
N LEU H 27 -15.54 12.72 -38.26
CA LEU H 27 -15.54 11.97 -39.51
C LEU H 27 -14.97 10.57 -39.26
N ALA H 28 -14.01 10.47 -38.35
CA ALA H 28 -13.39 9.19 -38.03
C ALA H 28 -14.47 8.26 -37.46
N GLU H 29 -15.19 8.75 -36.47
CA GLU H 29 -16.26 8.01 -35.82
C GLU H 29 -17.40 7.69 -36.78
N ALA H 30 -17.69 8.62 -37.69
CA ALA H 30 -18.75 8.42 -38.70
C ALA H 30 -18.36 7.23 -39.62
N ALA H 31 -17.10 7.21 -40.04
CA ALA H 31 -16.59 6.16 -40.89
C ALA H 31 -16.70 4.83 -40.15
N GLY H 32 -16.29 4.82 -38.88
CA GLY H 32 -16.37 3.61 -38.09
C GLY H 32 -17.80 3.09 -38.10
N PHE H 33 -18.77 3.98 -37.93
CA PHE H 33 -20.19 3.61 -37.92
C PHE H 33 -20.66 3.00 -39.23
N GLU H 34 -19.93 3.27 -40.31
CA GLU H 34 -20.26 2.73 -41.63
C GLU H 34 -19.35 1.53 -41.96
N ALA H 35 -18.71 0.99 -40.93
CA ALA H 35 -17.80 -0.14 -41.06
C ALA H 35 -16.58 0.09 -41.96
N ASN H 36 -16.12 1.34 -42.02
N ASN H 36 -16.10 1.33 -42.05
CA ASN H 36 -14.94 1.65 -42.81
CA ASN H 36 -14.88 1.50 -42.80
C ASN H 36 -13.80 1.94 -41.82
C ASN H 36 -13.80 1.90 -41.84
N GLU H 37 -13.17 0.89 -41.28
CA GLU H 37 -12.08 1.06 -40.32
C GLU H 37 -10.82 1.68 -40.93
N GLY H 38 -10.65 1.57 -42.23
CA GLY H 38 -9.48 2.13 -42.88
C GLY H 38 -9.64 3.64 -42.93
N ARG H 39 -10.86 4.08 -43.19
CA ARG H 39 -11.14 5.50 -43.22
C ARG H 39 -11.08 6.05 -41.79
N LEU H 40 -11.61 5.29 -40.84
CA LEU H 40 -11.62 5.71 -39.45
C LEU H 40 -10.18 5.87 -38.97
N LEU H 41 -9.30 4.99 -39.43
CA LEU H 41 -7.90 5.02 -39.04
C LEU H 41 -7.14 6.23 -39.56
N SER H 42 -7.35 6.59 -40.83
CA SER H 42 -6.66 7.73 -41.42
C SER H 42 -7.08 9.07 -40.81
N PHE H 43 -8.39 9.26 -40.65
CA PHE H 43 -8.88 10.48 -40.04
C PHE H 43 -8.26 10.56 -38.66
N SER H 44 -8.19 9.41 -37.98
CA SER H 44 -7.59 9.36 -36.66
C SER H 44 -6.12 9.78 -36.69
N ARG H 45 -5.36 9.27 -37.65
CA ARG H 45 -3.94 9.60 -37.73
C ARG H 45 -3.77 11.08 -37.97
N ALA H 46 -4.57 11.62 -38.88
CA ALA H 46 -4.53 13.05 -39.19
C ALA H 46 -4.91 13.88 -37.96
N ALA H 47 -5.93 13.44 -37.23
CA ALA H 47 -6.40 14.13 -36.04
C ALA H 47 -5.29 14.14 -34.97
N SER H 48 -4.47 13.10 -34.94
CA SER H 48 -3.40 13.00 -33.97
C SER H 48 -2.23 13.93 -34.31
N VAL H 49 -1.99 14.13 -35.59
CA VAL H 49 -0.93 15.02 -36.00
C VAL H 49 -1.22 16.38 -35.39
N LEU H 50 -2.44 16.87 -35.62
CA LEU H 50 -2.88 18.16 -35.09
C LEU H 50 -2.70 18.25 -33.59
N LYS H 51 -3.11 17.20 -32.88
CA LYS H 51 -2.99 17.16 -31.43
C LYS H 51 -1.58 17.35 -30.95
N SER H 52 -0.59 17.02 -31.78
CA SER H 52 0.79 17.15 -31.31
C SER H 52 1.55 18.37 -31.80
N LEU H 53 0.88 19.26 -32.51
CA LEU H 53 1.51 20.49 -32.98
C LEU H 53 1.69 21.44 -31.79
N PRO H 54 2.80 22.16 -31.77
CA PRO H 54 3.14 23.11 -30.70
C PRO H 54 2.36 24.42 -30.73
N CYS H 55 1.63 24.66 -31.80
CA CYS H 55 0.87 25.89 -31.89
C CYS H 55 -0.34 25.72 -32.80
N PRO H 56 -1.24 26.72 -32.84
CA PRO H 56 -2.45 26.67 -33.68
C PRO H 56 -2.17 26.66 -35.18
N VAL H 57 -3.02 25.97 -35.94
CA VAL H 57 -2.90 25.96 -37.38
C VAL H 57 -3.74 27.16 -37.84
N ALA H 58 -3.13 28.09 -38.56
CA ALA H 58 -3.85 29.26 -39.05
C ALA H 58 -3.93 29.27 -40.57
N SER H 59 -2.95 28.68 -41.22
CA SER H 59 -2.91 28.64 -42.69
C SER H 59 -2.65 27.23 -43.21
N LEU H 60 -3.23 26.93 -44.36
CA LEU H 60 -3.07 25.61 -44.98
C LEU H 60 -1.62 25.20 -45.24
N SER H 61 -0.72 26.17 -45.27
CA SER H 61 0.69 25.93 -45.52
C SER H 61 1.37 25.23 -44.36
N GLN H 62 0.73 25.24 -43.21
CA GLN H 62 1.31 24.59 -42.04
C GLN H 62 1.13 23.07 -42.08
N LEU H 63 0.41 22.58 -43.08
CA LEU H 63 0.19 21.14 -43.22
C LEU H 63 1.28 20.49 -44.07
N HIS H 64 1.91 21.30 -44.93
CA HIS H 64 2.97 20.80 -45.80
C HIS H 64 4.17 20.33 -44.97
N GLY H 65 4.47 19.05 -45.08
CA GLY H 65 5.58 18.48 -44.32
C GLY H 65 5.03 17.49 -43.32
N LEU H 66 3.76 17.70 -42.94
CA LEU H 66 3.11 16.80 -41.99
C LEU H 66 2.62 15.58 -42.75
N PRO H 67 2.63 14.43 -42.08
CA PRO H 67 2.18 13.18 -42.70
C PRO H 67 0.70 12.90 -42.45
N TYR H 68 0.12 12.05 -43.29
CA TYR H 68 -1.26 11.64 -43.15
C TYR H 68 -2.33 12.66 -43.48
N PHE H 69 -1.96 13.72 -44.16
CA PHE H 69 -2.94 14.71 -44.56
C PHE H 69 -3.22 14.55 -46.04
N GLY H 70 -4.10 13.62 -46.34
CA GLY H 70 -4.48 13.37 -47.72
C GLY H 70 -5.23 14.56 -48.24
N GLU H 71 -5.91 14.39 -49.36
CA GLU H 71 -6.64 15.52 -49.91
C GLU H 71 -8.00 15.73 -49.25
N HIS H 72 -8.55 14.68 -48.64
CA HIS H 72 -9.83 14.83 -47.96
C HIS H 72 -9.65 15.54 -46.61
N SER H 73 -8.64 15.16 -45.84
CA SER H 73 -8.42 15.80 -44.55
C SER H 73 -7.99 17.26 -44.77
N THR H 74 -7.16 17.49 -45.78
CA THR H 74 -6.69 18.83 -46.13
C THR H 74 -7.89 19.67 -46.55
N ARG H 75 -8.79 19.06 -47.32
CA ARG H 75 -9.97 19.77 -47.78
C ARG H 75 -10.79 20.26 -46.60
N VAL H 76 -11.06 19.37 -45.66
CA VAL H 76 -11.86 19.71 -44.48
C VAL H 76 -11.19 20.78 -43.65
N ILE H 77 -9.87 20.69 -43.50
CA ILE H 77 -9.14 21.68 -42.73
C ILE H 77 -9.28 23.06 -43.35
N GLN H 78 -9.09 23.14 -44.67
CA GLN H 78 -9.20 24.43 -45.34
C GLN H 78 -10.60 25.01 -45.17
N GLU H 79 -11.62 24.16 -45.22
CA GLU H 79 -12.95 24.71 -45.05
C GLU H 79 -13.06 25.32 -43.66
N LEU H 80 -12.57 24.62 -42.65
CA LEU H 80 -12.64 25.16 -41.30
C LEU H 80 -11.87 26.47 -41.14
N LEU H 81 -10.65 26.52 -41.69
CA LEU H 81 -9.84 27.72 -41.63
C LEU H 81 -10.48 28.89 -42.35
N GLU H 82 -11.25 28.59 -43.39
CA GLU H 82 -11.91 29.62 -44.18
C GLU H 82 -13.20 30.14 -43.56
N HIS H 83 -14.09 29.22 -43.18
CA HIS H 83 -15.39 29.58 -42.63
C HIS H 83 -15.65 29.19 -41.19
N GLY H 84 -14.67 28.56 -40.55
CA GLY H 84 -14.85 28.15 -39.16
C GLY H 84 -15.85 27.03 -38.96
N THR H 85 -16.24 26.36 -40.04
CA THR H 85 -17.19 25.26 -39.95
C THR H 85 -16.98 24.34 -41.14
N CYS H 86 -17.50 23.12 -41.05
CA CYS H 86 -17.33 22.18 -42.15
C CYS H 86 -18.64 21.52 -42.54
N GLU H 87 -19.21 22.00 -43.63
CA GLU H 87 -20.47 21.48 -44.12
C GLU H 87 -20.62 19.97 -44.02
N GLU H 88 -19.65 19.22 -44.54
CA GLU H 88 -19.72 17.76 -44.45
C GLU H 88 -19.85 17.28 -43.01
N VAL H 89 -19.07 17.89 -42.12
CA VAL H 89 -19.10 17.49 -40.71
C VAL H 89 -20.46 17.83 -40.16
N LYS H 90 -21.02 18.93 -40.64
CA LYS H 90 -22.34 19.39 -40.20
C LYS H 90 -23.44 18.42 -40.64
N GLN H 91 -23.34 17.93 -41.88
CA GLN H 91 -24.31 16.97 -42.40
C GLN H 91 -24.28 15.73 -41.50
N VAL H 92 -23.06 15.29 -41.16
CA VAL H 92 -22.87 14.11 -40.32
C VAL H 92 -23.55 14.19 -38.96
N ARG H 93 -23.35 15.29 -38.25
CA ARG H 93 -23.95 15.44 -36.93
C ARG H 93 -25.47 15.60 -36.96
N CYS H 94 -26.02 15.75 -38.17
CA CYS H 94 -27.46 15.92 -38.33
C CYS H 94 -28.18 14.72 -38.93
N SER H 95 -27.43 13.88 -39.65
CA SER H 95 -28.04 12.72 -40.29
C SER H 95 -28.56 11.69 -39.29
N GLU H 96 -29.70 11.09 -39.64
CA GLU H 96 -30.34 10.10 -38.80
C GLU H 96 -29.39 8.94 -38.58
N ARG H 97 -28.73 8.53 -39.65
CA ARG H 97 -27.77 7.43 -39.61
C ARG H 97 -26.75 7.63 -38.50
N TYR H 98 -26.09 8.78 -38.47
CA TYR H 98 -25.07 9.06 -37.45
C TYR H 98 -25.65 9.15 -36.05
N GLN H 99 -26.67 9.99 -35.87
CA GLN H 99 -27.29 10.14 -34.55
C GLN H 99 -27.75 8.80 -33.96
N THR H 100 -28.33 7.96 -34.80
CA THR H 100 -28.80 6.66 -34.34
C THR H 100 -27.68 5.70 -34.02
N MET H 101 -26.72 5.56 -34.93
CA MET H 101 -25.60 4.66 -34.70
C MET H 101 -24.88 5.04 -33.41
N LYS H 102 -24.63 6.34 -33.25
CA LYS H 102 -23.98 6.84 -32.04
C LYS H 102 -24.78 6.43 -30.82
N LEU H 103 -26.10 6.52 -30.96
CA LEU H 103 -27.01 6.19 -29.87
C LEU H 103 -26.97 4.72 -29.49
N PHE H 104 -27.04 3.86 -30.51
CA PHE H 104 -27.02 2.41 -30.29
C PHE H 104 -25.66 1.89 -29.81
N THR H 105 -24.56 2.31 -30.43
CA THR H 105 -23.24 1.83 -30.01
C THR H 105 -22.84 2.36 -28.64
N GLN H 106 -23.47 3.43 -28.20
CA GLN H 106 -23.20 4.00 -26.88
C GLN H 106 -23.69 2.99 -25.84
N VAL H 107 -24.68 2.18 -26.22
CA VAL H 107 -25.20 1.19 -25.29
C VAL H 107 -24.12 0.14 -25.03
N PHE H 108 -23.93 -0.23 -23.78
CA PHE H 108 -22.96 -1.25 -23.39
C PHE H 108 -23.42 -2.60 -23.90
N GLY H 109 -22.64 -3.23 -24.76
CA GLY H 109 -23.03 -4.53 -25.28
C GLY H 109 -23.51 -4.42 -26.71
N VAL H 110 -23.58 -3.19 -27.22
CA VAL H 110 -24.00 -2.97 -28.60
C VAL H 110 -22.80 -2.40 -29.33
N GLY H 111 -22.41 -3.07 -30.41
CA GLY H 111 -21.29 -2.59 -31.19
C GLY H 111 -21.83 -2.14 -32.53
N VAL H 112 -20.92 -1.73 -33.42
CA VAL H 112 -21.33 -1.28 -34.73
C VAL H 112 -22.17 -2.28 -35.51
N LYS H 113 -21.70 -3.54 -35.58
CA LYS H 113 -22.39 -4.59 -36.31
C LYS H 113 -23.84 -4.69 -35.87
N THR H 114 -24.06 -4.72 -34.56
CA THR H 114 -25.41 -4.79 -34.02
C THR H 114 -26.21 -3.53 -34.31
N ALA H 115 -25.62 -2.37 -34.07
CA ALA H 115 -26.32 -1.11 -34.29
C ALA H 115 -26.82 -1.00 -35.73
N ASN H 116 -26.03 -1.47 -36.69
CA ASN H 116 -26.41 -1.42 -38.10
C ASN H 116 -27.54 -2.39 -38.38
N ARG H 117 -27.51 -3.52 -37.69
CA ARG H 117 -28.53 -4.55 -37.85
C ARG H 117 -29.88 -3.95 -37.44
N TRP H 118 -29.90 -3.29 -36.30
CA TRP H 118 -31.13 -2.68 -35.80
C TRP H 118 -31.58 -1.52 -36.68
N TYR H 119 -30.63 -0.74 -37.17
CA TYR H 119 -30.94 0.40 -38.00
C TYR H 119 -31.69 0.00 -39.26
N GLN H 120 -31.19 -1.01 -39.94
CA GLN H 120 -31.80 -1.51 -41.18
C GLN H 120 -33.26 -1.93 -41.01
N GLU H 121 -33.55 -2.60 -39.91
CA GLU H 121 -34.92 -3.04 -39.63
C GLU H 121 -35.82 -1.82 -39.44
N GLY H 122 -35.22 -0.70 -39.06
CA GLY H 122 -35.99 0.51 -38.86
C GLY H 122 -36.01 1.03 -37.44
N LEU H 123 -35.41 0.30 -36.50
CA LEU H 123 -35.39 0.76 -35.12
C LEU H 123 -34.68 2.12 -35.06
N ARG H 124 -35.03 2.95 -34.09
CA ARG H 124 -34.42 4.26 -33.99
C ARG H 124 -34.27 4.79 -32.55
N THR H 125 -35.06 4.25 -31.64
CA THR H 125 -35.01 4.70 -30.26
C THR H 125 -34.59 3.60 -29.31
N LEU H 126 -34.21 3.99 -28.10
CA LEU H 126 -33.81 3.03 -27.10
C LEU H 126 -35.04 2.27 -26.64
N ASP H 127 -36.07 3.02 -26.27
CA ASP H 127 -37.33 2.44 -25.81
C ASP H 127 -37.80 1.38 -26.80
N GLU H 128 -37.62 1.67 -28.08
CA GLU H 128 -38.03 0.77 -29.14
C GLU H 128 -37.32 -0.58 -28.97
N LEU H 129 -36.16 -0.54 -28.33
CA LEU H 129 -35.37 -1.76 -28.10
C LEU H 129 -35.77 -2.42 -26.78
N ARG H 130 -36.34 -1.62 -25.88
CA ARG H 130 -36.77 -2.11 -24.56
C ARG H 130 -38.15 -2.79 -24.60
N GLU H 131 -38.70 -2.93 -25.80
CA GLU H 131 -40.01 -3.57 -25.98
C GLU H 131 -39.85 -4.98 -26.53
N GLN H 132 -38.63 -5.30 -26.96
CA GLN H 132 -38.34 -6.62 -27.50
C GLN H 132 -37.25 -7.34 -26.71
N PRO H 133 -37.41 -7.44 -25.37
CA PRO H 133 -36.42 -8.11 -24.53
C PRO H 133 -36.13 -9.52 -25.02
N GLN H 134 -36.93 -9.97 -25.98
CA GLN H 134 -36.79 -11.30 -26.57
C GLN H 134 -35.52 -11.49 -27.39
N ARG H 135 -34.96 -10.41 -27.92
CA ARG H 135 -33.77 -10.55 -28.75
C ARG H 135 -32.55 -9.68 -28.42
N LEU H 136 -32.15 -9.66 -27.14
CA LEU H 136 -30.98 -8.90 -26.74
C LEU H 136 -30.28 -9.49 -25.52
N THR H 137 -28.94 -9.49 -25.56
CA THR H 137 -28.09 -10.04 -24.52
C THR H 137 -28.29 -9.47 -23.10
N GLN H 138 -27.84 -10.23 -22.10
CA GLN H 138 -27.93 -9.80 -20.72
C GLN H 138 -26.97 -8.63 -20.59
N GLN H 139 -26.00 -8.59 -21.49
CA GLN H 139 -25.01 -7.53 -21.49
C GLN H 139 -25.71 -6.24 -21.97
N GLN H 140 -26.50 -6.36 -23.03
CA GLN H 140 -27.23 -5.22 -23.58
C GLN H 140 -28.37 -4.85 -22.63
N LYS H 141 -28.96 -5.85 -22.01
CA LYS H 141 -30.03 -5.61 -21.07
C LYS H 141 -29.48 -4.69 -19.97
N ALA H 142 -28.32 -5.06 -19.44
CA ALA H 142 -27.68 -4.27 -18.40
C ALA H 142 -27.36 -2.89 -18.95
N GLY H 143 -27.03 -2.84 -20.24
CA GLY H 143 -26.69 -1.58 -20.89
C GLY H 143 -27.83 -0.58 -20.99
N LEU H 144 -29.05 -1.09 -21.16
CA LEU H 144 -30.23 -0.24 -21.28
C LEU H 144 -30.78 0.16 -19.91
N GLN H 145 -30.69 -0.74 -18.93
CA GLN H 145 -31.21 -0.44 -17.60
C GLN H 145 -30.43 0.68 -16.92
N TYR H 146 -29.15 0.83 -17.27
CA TYR H 146 -28.32 1.89 -16.69
C TYR H 146 -27.78 2.84 -17.74
N TYR H 147 -28.41 2.86 -18.92
CA TYR H 147 -27.98 3.72 -20.01
C TYR H 147 -27.64 5.14 -19.56
N GLN H 148 -28.56 5.77 -18.83
CA GLN H 148 -28.39 7.13 -18.36
C GLN H 148 -27.08 7.36 -17.59
N ASP H 149 -26.83 6.53 -16.59
CA ASP H 149 -25.64 6.68 -15.77
C ASP H 149 -24.37 6.24 -16.49
N LEU H 150 -24.49 5.31 -17.43
CA LEU H 150 -23.34 4.86 -18.18
C LEU H 150 -23.01 5.86 -19.26
N SER H 151 -23.85 6.88 -19.42
CA SER H 151 -23.64 7.92 -20.41
C SER H 151 -23.23 9.20 -19.70
N THR H 152 -22.98 9.09 -18.40
CA THR H 152 -22.57 10.22 -17.60
C THR H 152 -21.09 10.06 -17.37
N PRO H 153 -20.26 11.00 -17.85
CA PRO H 153 -18.81 10.87 -17.66
C PRO H 153 -18.45 10.59 -16.21
N VAL H 154 -17.51 9.68 -16.03
CA VAL H 154 -17.04 9.34 -14.71
C VAL H 154 -16.02 10.42 -14.36
N ARG H 155 -16.25 11.13 -13.26
CA ARG H 155 -15.37 12.20 -12.80
C ARG H 155 -14.25 11.60 -11.97
N ARG H 156 -13.12 12.29 -11.91
CA ARG H 156 -11.98 11.82 -11.14
C ARG H 156 -12.45 11.52 -9.73
N ALA H 157 -13.33 12.37 -9.21
CA ALA H 157 -13.89 12.21 -7.87
C ALA H 157 -14.50 10.82 -7.66
N ASP H 158 -15.13 10.28 -8.71
CA ASP H 158 -15.75 8.96 -8.64
C ASP H 158 -14.72 7.86 -8.78
N ALA H 159 -13.63 8.15 -9.49
CA ALA H 159 -12.58 7.17 -9.70
C ALA H 159 -11.82 6.84 -8.42
N GLU H 160 -11.63 7.84 -7.57
CA GLU H 160 -10.90 7.65 -6.32
C GLU H 160 -11.73 6.91 -5.28
N ALA H 161 -13.05 7.12 -5.30
CA ALA H 161 -13.93 6.44 -4.38
C ALA H 161 -13.99 4.96 -4.73
N LEU H 162 -14.03 4.67 -6.03
CA LEU H 162 -14.07 3.29 -6.51
C LEU H 162 -12.68 2.68 -6.37
N GLN H 163 -11.65 3.53 -6.36
CA GLN H 163 -10.28 3.07 -6.22
C GLN H 163 -10.12 2.33 -4.90
N GLN H 164 -10.67 2.92 -3.84
CA GLN H 164 -10.58 2.34 -2.51
C GLN H 164 -11.41 1.07 -2.36
N LEU H 165 -12.71 1.16 -2.64
CA LEU H 165 -13.58 -0.01 -2.53
C LEU H 165 -12.92 -1.22 -3.18
N ILE H 166 -12.13 -0.96 -4.22
CA ILE H 166 -11.44 -2.03 -4.94
C ILE H 166 -10.26 -2.55 -4.13
N GLU H 167 -9.52 -1.63 -3.51
CA GLU H 167 -8.37 -2.00 -2.70
C GLU H 167 -8.84 -2.78 -1.47
N ALA H 168 -10.09 -2.55 -1.08
CA ALA H 168 -10.67 -3.23 0.08
C ALA H 168 -10.76 -4.72 -0.21
N ALA H 169 -11.42 -5.07 -1.31
CA ALA H 169 -11.57 -6.47 -1.71
C ALA H 169 -10.26 -7.00 -2.29
N VAL H 170 -9.22 -6.18 -2.23
CA VAL H 170 -7.91 -6.56 -2.74
C VAL H 170 -7.00 -6.89 -1.56
N ARG H 171 -7.07 -6.07 -0.52
CA ARG H 171 -6.27 -6.28 0.68
C ARG H 171 -6.95 -7.38 1.50
N GLN H 172 -8.28 -7.31 1.58
CA GLN H 172 -9.07 -8.27 2.34
C GLN H 172 -8.99 -9.67 1.73
N THR H 173 -8.73 -9.72 0.42
CA THR H 173 -8.63 -11.00 -0.30
C THR H 173 -7.21 -11.52 -0.36
N LEU H 174 -6.26 -10.61 -0.58
CA LEU H 174 -4.86 -10.98 -0.66
C LEU H 174 -3.93 -9.84 -0.29
N PRO H 175 -3.45 -9.81 0.96
CA PRO H 175 -2.56 -8.72 1.37
C PRO H 175 -1.33 -8.65 0.45
N GLY H 176 -0.73 -7.47 0.35
CA GLY H 176 0.43 -7.30 -0.49
C GLY H 176 0.09 -7.14 -1.96
N ALA H 177 -1.20 -6.95 -2.25
CA ALA H 177 -1.67 -6.78 -3.62
C ALA H 177 -1.70 -5.30 -3.99
N THR H 178 -1.38 -4.99 -5.24
CA THR H 178 -1.37 -3.60 -5.72
C THR H 178 -2.59 -3.23 -6.57
N VAL H 179 -3.11 -2.04 -6.33
CA VAL H 179 -4.24 -1.54 -7.10
C VAL H 179 -3.78 -0.27 -7.82
N THR H 180 -3.49 -0.40 -9.11
CA THR H 180 -3.05 0.75 -9.89
C THR H 180 -4.15 1.27 -10.81
N LEU H 181 -4.34 2.59 -10.80
CA LEU H 181 -5.33 3.25 -11.63
C LEU H 181 -4.75 3.47 -13.02
N THR H 182 -5.36 2.88 -14.05
CA THR H 182 -4.88 3.07 -15.42
C THR H 182 -5.89 3.83 -16.28
N GLY H 183 -5.84 3.60 -17.59
CA GLY H 183 -6.77 4.26 -18.49
C GLY H 183 -6.55 5.76 -18.70
N GLY H 184 -7.61 6.43 -19.12
CA GLY H 184 -7.55 7.85 -19.37
C GLY H 184 -7.19 8.64 -18.13
N PHE H 185 -7.71 8.22 -16.99
CA PHE H 185 -7.44 8.89 -15.73
C PHE H 185 -5.95 8.98 -15.41
N ARG H 186 -5.22 7.93 -15.72
CA ARG H 186 -3.79 7.98 -15.46
C ARG H 186 -3.17 9.01 -16.40
N ARG H 187 -3.64 9.07 -17.63
CA ARG H 187 -3.11 10.03 -18.59
C ARG H 187 -3.48 11.49 -18.25
N GLY H 188 -4.17 11.70 -17.12
CA GLY H 188 -4.55 13.05 -16.72
C GLY H 188 -5.98 13.52 -16.97
N LYS H 189 -6.80 12.70 -17.63
CA LYS H 189 -8.18 13.13 -17.92
C LYS H 189 -9.04 13.41 -16.69
N LEU H 190 -9.97 14.34 -16.86
CA LEU H 190 -10.89 14.73 -15.79
C LEU H 190 -12.10 13.82 -15.77
N GLN H 191 -12.24 13.02 -16.82
CA GLN H 191 -13.37 12.10 -16.93
C GLN H 191 -13.08 10.90 -17.83
N GLY H 192 -14.01 9.94 -17.82
CA GLY H 192 -13.87 8.75 -18.63
C GLY H 192 -15.23 8.12 -18.79
N HIS H 193 -15.32 7.10 -19.63
CA HIS H 193 -16.59 6.42 -19.86
C HIS H 193 -16.64 5.23 -18.92
N ASP H 194 -15.52 4.98 -18.26
CA ASP H 194 -15.38 3.87 -17.31
C ASP H 194 -14.16 4.17 -16.41
N VAL H 195 -13.82 3.22 -15.55
CA VAL H 195 -12.68 3.34 -14.66
C VAL H 195 -11.88 2.03 -14.80
N ASP H 196 -10.64 2.14 -15.23
CA ASP H 196 -9.79 0.96 -15.43
C ASP H 196 -8.80 0.80 -14.28
N PHE H 197 -8.61 -0.45 -13.84
CA PHE H 197 -7.67 -0.76 -12.77
C PHE H 197 -6.79 -1.94 -13.14
N LEU H 198 -5.53 -1.88 -12.72
CA LEU H 198 -4.58 -2.94 -12.97
C LEU H 198 -4.16 -3.42 -11.58
N ILE H 199 -4.23 -4.73 -11.36
CA ILE H 199 -3.87 -5.29 -10.05
C ILE H 199 -2.78 -6.35 -10.13
N THR H 200 -1.93 -6.38 -9.11
CA THR H 200 -0.84 -7.35 -9.06
C THR H 200 -0.33 -7.59 -7.64
N HIS H 201 0.68 -8.43 -7.51
CA HIS H 201 1.28 -8.74 -6.23
C HIS H 201 2.76 -9.01 -6.48
N PRO H 202 3.65 -8.49 -5.61
CA PRO H 202 5.09 -8.68 -5.75
C PRO H 202 5.49 -10.14 -6.01
N GLU H 203 4.96 -11.05 -5.19
CA GLU H 203 5.26 -12.46 -5.34
C GLU H 203 4.86 -12.93 -6.73
N GLU H 204 5.86 -13.19 -7.58
CA GLU H 204 5.67 -13.63 -8.96
C GLU H 204 4.60 -14.70 -9.23
N GLY H 205 3.81 -15.06 -8.22
CA GLY H 205 2.79 -16.06 -8.42
C GLY H 205 1.62 -15.93 -7.46
N GLN H 206 1.77 -15.06 -6.46
CA GLN H 206 0.72 -14.87 -5.46
C GLN H 206 -0.51 -14.14 -6.00
N GLU H 207 -0.59 -13.94 -7.31
CA GLU H 207 -1.73 -13.25 -7.90
C GLU H 207 -2.55 -14.16 -8.82
N VAL H 208 -2.00 -15.34 -9.12
CA VAL H 208 -2.67 -16.29 -10.00
C VAL H 208 -3.98 -16.80 -9.39
N GLY H 209 -5.09 -16.15 -9.75
CA GLY H 209 -6.40 -16.54 -9.25
C GLY H 209 -7.10 -15.50 -8.39
N LEU H 210 -6.49 -14.34 -8.24
CA LEU H 210 -7.04 -13.26 -7.43
C LEU H 210 -8.39 -12.69 -7.87
N LEU H 211 -8.48 -12.35 -9.16
CA LEU H 211 -9.67 -11.74 -9.77
C LEU H 211 -11.06 -12.21 -9.30
N PRO H 212 -11.40 -13.50 -9.48
CA PRO H 212 -12.71 -13.99 -9.06
C PRO H 212 -12.94 -13.85 -7.55
N LYS H 213 -11.86 -14.01 -6.78
CA LYS H 213 -11.93 -13.89 -5.33
C LYS H 213 -12.28 -12.45 -4.97
N VAL H 214 -11.87 -11.53 -5.83
CA VAL H 214 -12.16 -10.11 -5.63
C VAL H 214 -13.61 -9.83 -6.03
N MET H 215 -14.02 -10.34 -7.18
CA MET H 215 -15.39 -10.14 -7.66
C MET H 215 -16.40 -10.65 -6.64
N SER H 216 -16.09 -11.77 -6.01
CA SER H 216 -16.97 -12.34 -5.01
C SER H 216 -17.06 -11.41 -3.80
N CYS H 217 -15.92 -10.90 -3.34
CA CYS H 217 -15.92 -10.01 -2.19
C CYS H 217 -16.81 -8.79 -2.44
N LEU H 218 -16.65 -8.17 -3.60
CA LEU H 218 -17.45 -7.00 -3.96
C LEU H 218 -18.90 -7.42 -4.13
N GLN H 219 -19.09 -8.71 -4.41
CA GLN H 219 -20.41 -9.29 -4.59
C GLN H 219 -21.06 -9.43 -3.21
N SER H 220 -20.21 -9.74 -2.22
CA SER H 220 -20.63 -9.94 -0.83
C SER H 220 -20.89 -8.61 -0.12
N GLN H 221 -20.93 -7.53 -0.90
CA GLN H 221 -21.17 -6.20 -0.35
C GLN H 221 -22.30 -5.55 -1.13
N GLY H 222 -22.82 -6.30 -2.10
CA GLY H 222 -23.92 -5.83 -2.92
C GLY H 222 -23.59 -4.66 -3.84
N LEU H 223 -22.33 -4.56 -4.24
CA LEU H 223 -21.89 -3.48 -5.11
C LEU H 223 -21.89 -3.84 -6.59
N VAL H 224 -22.08 -5.11 -6.92
CA VAL H 224 -22.08 -5.53 -8.32
C VAL H 224 -23.47 -5.51 -8.94
N LEU H 225 -23.62 -4.79 -10.05
CA LEU H 225 -24.89 -4.71 -10.75
C LEU H 225 -24.86 -5.62 -11.97
N TYR H 226 -23.67 -6.07 -12.35
CA TYR H 226 -23.49 -6.95 -13.51
C TYR H 226 -22.07 -7.49 -13.57
N HIS H 227 -21.89 -8.64 -14.21
CA HIS H 227 -20.56 -9.22 -14.37
C HIS H 227 -20.54 -10.36 -15.40
N GLN H 228 -19.33 -10.75 -15.80
CA GLN H 228 -19.16 -11.82 -16.79
C GLN H 228 -18.56 -13.09 -16.17
N TYR H 229 -19.42 -13.92 -15.59
CA TYR H 229 -19.02 -15.19 -14.96
C TYR H 229 -17.56 -15.25 -14.52
N PHE H 251 -9.00 -16.15 -15.15
CA PHE H 251 -9.44 -14.87 -15.68
C PHE H 251 -8.35 -13.80 -15.54
N GLU H 252 -8.21 -12.97 -16.59
CA GLU H 252 -7.24 -11.88 -16.61
C GLU H 252 -7.99 -10.55 -16.54
N ARG H 253 -9.13 -10.48 -17.23
CA ARG H 253 -9.95 -9.27 -17.30
C ARG H 253 -11.36 -9.52 -16.77
N SER H 254 -11.96 -8.49 -16.18
CA SER H 254 -13.31 -8.57 -15.66
C SER H 254 -14.04 -7.24 -15.79
N PHE H 255 -14.70 -7.02 -16.92
CA PHE H 255 -15.44 -5.78 -17.14
C PHE H 255 -16.78 -5.92 -16.41
N CYS H 256 -17.09 -4.97 -15.53
CA CYS H 256 -18.34 -5.04 -14.78
C CYS H 256 -18.98 -3.67 -14.53
N ILE H 257 -20.22 -3.68 -14.05
CA ILE H 257 -20.93 -2.45 -13.73
C ILE H 257 -21.17 -2.50 -12.23
N LEU H 258 -20.66 -1.49 -11.52
CA LEU H 258 -20.81 -1.42 -10.07
C LEU H 258 -21.64 -0.22 -9.64
N GLY H 259 -22.23 -0.32 -8.45
CA GLY H 259 -23.04 0.77 -7.95
C GLY H 259 -22.25 1.64 -7.00
N LEU H 260 -22.02 2.89 -7.41
CA LEU H 260 -21.27 3.83 -6.59
C LEU H 260 -22.20 4.47 -5.56
N PRO H 261 -22.10 4.02 -4.31
CA PRO H 261 -22.95 4.58 -3.26
C PRO H 261 -22.79 6.08 -3.26
N GLN H 262 -23.90 6.80 -3.21
CA GLN H 262 -23.86 8.25 -3.19
C GLN H 262 -24.95 8.76 -2.27
N PRO H 263 -24.73 9.94 -1.68
CA PRO H 263 -25.74 10.52 -0.77
C PRO H 263 -27.00 10.88 -1.56
N GLN H 264 -28.11 11.01 -0.85
CA GLN H 264 -29.38 11.35 -1.48
C GLN H 264 -29.65 12.85 -1.49
N GLN H 265 -30.85 13.21 -1.94
CA GLN H 265 -31.29 14.60 -1.97
C GLN H 265 -32.30 14.77 -0.83
N ALA H 266 -32.25 15.91 -0.16
CA ALA H 266 -33.16 16.18 0.94
C ALA H 266 -34.57 16.51 0.46
N GLY H 270 -38.40 17.05 2.35
CA GLY H 270 -39.84 17.13 2.15
C GLY H 270 -40.53 15.78 2.44
N ALA H 271 -40.13 14.74 1.74
CA ALA H 271 -40.72 13.41 1.91
C ALA H 271 -39.65 12.34 2.19
N LEU H 272 -39.86 11.16 1.60
CA LEU H 272 -38.93 10.03 1.78
C LEU H 272 -38.39 9.50 0.44
N PRO H 273 -37.06 9.29 0.36
CA PRO H 273 -36.39 8.80 -0.86
C PRO H 273 -37.16 7.70 -1.59
N PRO H 274 -37.14 7.74 -2.93
CA PRO H 274 -37.85 6.73 -3.72
C PRO H 274 -37.05 5.43 -3.78
N CYS H 275 -35.78 5.50 -3.40
CA CYS H 275 -34.91 4.34 -3.41
C CYS H 275 -33.48 4.68 -2.96
N PRO H 276 -32.63 3.64 -2.77
CA PRO H 276 -31.26 3.92 -2.35
C PRO H 276 -30.57 4.63 -3.52
N THR H 277 -29.78 5.65 -3.20
CA THR H 277 -29.11 6.42 -4.23
C THR H 277 -27.70 5.97 -4.61
N TRP H 278 -27.52 5.65 -5.88
CA TRP H 278 -26.23 5.22 -6.40
C TRP H 278 -26.09 5.57 -7.88
N LYS H 279 -24.88 5.45 -8.41
CA LYS H 279 -24.67 5.72 -9.82
C LYS H 279 -23.98 4.52 -10.42
N ALA H 280 -24.60 3.94 -11.44
CA ALA H 280 -24.02 2.79 -12.09
C ALA H 280 -22.74 3.25 -12.78
N VAL H 281 -21.62 2.64 -12.41
CA VAL H 281 -20.33 2.98 -13.01
C VAL H 281 -19.71 1.74 -13.62
N ARG H 282 -19.18 1.92 -14.82
CA ARG H 282 -18.53 0.83 -15.52
C ARG H 282 -17.11 0.72 -14.95
N VAL H 283 -16.69 -0.49 -14.63
CA VAL H 283 -15.36 -0.73 -14.06
C VAL H 283 -14.64 -1.89 -14.72
N ASP H 284 -13.35 -1.71 -15.00
CA ASP H 284 -12.56 -2.76 -15.62
C ASP H 284 -11.40 -3.17 -14.74
N LEU H 285 -11.44 -4.40 -14.27
CA LEU H 285 -10.40 -4.94 -13.41
C LEU H 285 -9.52 -5.92 -14.19
N VAL H 286 -8.21 -5.67 -14.18
CA VAL H 286 -7.26 -6.52 -14.90
C VAL H 286 -6.14 -6.97 -13.96
N VAL H 287 -5.86 -8.27 -13.94
CA VAL H 287 -4.80 -8.79 -13.07
C VAL H 287 -3.62 -9.29 -13.88
N THR H 288 -2.44 -8.71 -13.62
CA THR H 288 -1.25 -9.13 -14.32
C THR H 288 -0.23 -9.61 -13.32
N PRO H 289 0.61 -10.57 -13.73
CA PRO H 289 1.63 -11.05 -12.79
C PRO H 289 2.70 -9.98 -12.69
N SER H 290 3.08 -9.62 -11.47
CA SER H 290 4.11 -8.61 -11.25
C SER H 290 5.23 -8.72 -12.28
N SER H 291 5.47 -9.93 -12.75
CA SER H 291 6.50 -10.17 -13.75
C SER H 291 6.27 -9.34 -15.00
N GLN H 292 5.00 -9.15 -15.38
CA GLN H 292 4.66 -8.41 -16.59
C GLN H 292 4.03 -7.04 -16.36
N PHE H 293 3.94 -6.60 -15.11
CA PHE H 293 3.35 -5.30 -14.81
C PHE H 293 3.67 -4.19 -15.82
N PRO H 294 4.96 -4.04 -16.19
CA PRO H 294 5.38 -3.01 -17.16
C PRO H 294 4.61 -2.99 -18.49
N PHE H 295 4.58 -4.12 -19.18
CA PHE H 295 3.89 -4.21 -20.46
C PHE H 295 2.39 -3.98 -20.31
N ALA H 296 1.85 -4.37 -19.16
CA ALA H 296 0.43 -4.23 -18.87
C ALA H 296 0.06 -2.78 -18.60
N LEU H 297 0.88 -2.10 -17.81
CA LEU H 297 0.64 -0.70 -17.46
C LEU H 297 0.68 0.16 -18.72
N LEU H 298 1.61 -0.16 -19.61
CA LEU H 298 1.76 0.57 -20.86
C LEU H 298 0.53 0.35 -21.73
N GLY H 299 0.14 -0.91 -21.86
CA GLY H 299 -1.01 -1.27 -22.66
C GLY H 299 -2.35 -0.74 -22.19
N TRP H 300 -2.59 -0.73 -20.88
CA TRP H 300 -3.86 -0.26 -20.34
C TRP H 300 -3.97 1.24 -20.00
N THR H 301 -2.90 1.98 -20.25
CA THR H 301 -2.89 3.41 -19.95
C THR H 301 -3.43 4.20 -21.14
N GLY H 302 -3.25 3.67 -22.34
CA GLY H 302 -3.72 4.33 -23.55
C GLY H 302 -2.79 5.41 -24.05
N SER H 303 -3.27 6.22 -25.01
CA SER H 303 -4.62 6.07 -25.54
C SER H 303 -4.75 4.92 -26.51
N GLN H 304 -6.01 4.62 -26.84
CA GLN H 304 -6.31 3.55 -27.78
C GLN H 304 -5.42 3.68 -29.01
N PHE H 305 -5.47 4.85 -29.65
CA PHE H 305 -4.66 5.10 -30.84
C PHE H 305 -3.16 5.06 -30.53
N PHE H 306 -2.80 5.34 -29.29
CA PHE H 306 -1.39 5.31 -28.91
C PHE H 306 -0.90 3.87 -29.00
N GLU H 307 -1.70 2.94 -28.48
CA GLU H 307 -1.35 1.53 -28.49
C GLU H 307 -1.17 1.01 -29.91
N ARG H 308 -2.10 1.35 -30.81
CA ARG H 308 -2.01 0.90 -32.20
C ARG H 308 -0.75 1.37 -32.92
N GLU H 309 -0.37 2.62 -32.67
CA GLU H 309 0.81 3.22 -33.29
C GLU H 309 2.07 2.63 -32.66
N LEU H 310 2.01 2.42 -31.35
CA LEU H 310 3.13 1.87 -30.59
C LEU H 310 3.42 0.45 -31.10
N ARG H 311 2.36 -0.32 -31.30
CA ARG H 311 2.50 -1.70 -31.76
C ARG H 311 2.84 -1.77 -33.24
N ARG H 312 2.30 -0.85 -34.02
CA ARG H 312 2.58 -0.84 -35.45
C ARG H 312 4.03 -0.46 -35.70
N PHE H 313 4.56 0.42 -34.86
CA PHE H 313 5.95 0.84 -34.96
C PHE H 313 6.80 -0.35 -34.53
N SER H 314 6.43 -0.91 -33.38
CA SER H 314 7.12 -2.06 -32.80
C SER H 314 7.32 -3.16 -33.84
N ARG H 315 6.35 -3.32 -34.73
CA ARG H 315 6.42 -4.34 -35.76
C ARG H 315 7.07 -3.86 -37.04
N GLN H 316 6.38 -2.99 -37.77
CA GLN H 316 6.88 -2.48 -39.04
C GLN H 316 8.26 -1.83 -39.01
N GLU H 317 8.70 -1.38 -37.84
CA GLU H 317 9.99 -0.71 -37.75
C GLU H 317 11.09 -1.51 -37.08
N LYS H 318 10.72 -2.39 -36.15
CA LYS H 318 11.71 -3.19 -35.46
C LYS H 318 11.31 -4.65 -35.33
N GLY H 319 10.66 -5.14 -36.39
CA GLY H 319 10.20 -6.53 -36.46
C GLY H 319 9.85 -7.25 -35.18
N LEU H 320 9.09 -6.62 -34.30
CA LEU H 320 8.71 -7.24 -33.02
C LEU H 320 7.22 -7.21 -32.73
N TRP H 321 6.77 -8.16 -31.92
CA TRP H 321 5.37 -8.29 -31.53
C TRP H 321 5.16 -7.76 -30.11
N LEU H 322 4.52 -6.60 -29.99
CA LEU H 322 4.25 -6.03 -28.67
C LEU H 322 2.77 -6.12 -28.31
N ASN H 323 2.51 -6.49 -27.06
CA ASN H 323 1.14 -6.55 -26.58
C ASN H 323 1.14 -6.25 -25.09
N SER H 324 -0.03 -6.36 -24.47
CA SER H 324 -0.20 -6.09 -23.05
C SER H 324 0.59 -7.02 -22.13
N HIS H 325 1.01 -8.17 -22.65
CA HIS H 325 1.77 -9.12 -21.84
C HIS H 325 3.27 -8.87 -21.93
N GLY H 326 3.78 -8.76 -23.14
CA GLY H 326 5.21 -8.51 -23.31
C GLY H 326 5.63 -8.32 -24.75
N LEU H 327 6.92 -8.06 -24.95
CA LEU H 327 7.47 -7.88 -26.28
C LEU H 327 8.06 -9.21 -26.71
N PHE H 328 7.80 -9.62 -27.96
CA PHE H 328 8.30 -10.91 -28.43
C PHE H 328 8.96 -10.82 -29.81
N ASP H 329 9.97 -11.66 -30.03
CA ASP H 329 10.68 -11.70 -31.31
C ASP H 329 10.18 -12.85 -32.16
N PRO H 330 9.70 -12.55 -33.38
CA PRO H 330 9.19 -13.58 -34.28
C PRO H 330 10.24 -14.64 -34.58
N GLU H 331 11.43 -14.21 -34.95
CA GLU H 331 12.53 -15.13 -35.24
C GLU H 331 12.84 -15.93 -33.98
N GLN H 332 12.41 -15.38 -32.83
CA GLN H 332 12.61 -16.01 -31.53
C GLN H 332 14.08 -15.99 -31.11
N LYS H 333 14.86 -15.10 -31.72
CA LYS H 333 16.28 -14.99 -31.42
C LYS H 333 16.54 -14.18 -30.15
N ARG H 334 15.49 -13.73 -29.47
CA ARG H 334 15.67 -12.95 -28.24
C ARG H 334 14.48 -12.95 -27.29
N VAL H 335 14.79 -12.86 -26.00
CA VAL H 335 13.78 -12.83 -24.93
C VAL H 335 14.01 -11.53 -24.14
N PHE H 336 13.00 -10.68 -24.09
CA PHE H 336 13.14 -9.39 -23.42
C PHE H 336 12.45 -9.24 -22.06
N HIS H 337 13.09 -8.49 -21.17
CA HIS H 337 12.58 -8.23 -19.83
C HIS H 337 12.31 -6.74 -19.66
N ALA H 338 11.50 -6.39 -18.67
CA ALA H 338 11.17 -5.00 -18.42
C ALA H 338 10.90 -4.72 -16.95
N THR H 339 11.59 -3.72 -16.41
CA THR H 339 11.45 -3.31 -15.02
C THR H 339 10.21 -2.43 -14.92
N SER H 340 10.21 -1.35 -15.69
CA SER H 340 9.11 -0.39 -15.71
C SER H 340 8.89 0.10 -17.14
N GLU H 341 7.90 0.97 -17.32
CA GLU H 341 7.60 1.50 -18.65
C GLU H 341 8.84 2.05 -19.37
N GLU H 342 9.56 2.97 -18.72
CA GLU H 342 10.74 3.57 -19.32
C GLU H 342 11.61 2.49 -19.97
N ASP H 343 11.65 1.31 -19.35
CA ASP H 343 12.43 0.20 -19.87
C ASP H 343 11.94 -0.24 -21.23
N VAL H 344 10.62 -0.30 -21.37
CA VAL H 344 10.01 -0.70 -22.63
C VAL H 344 10.30 0.33 -23.73
N PHE H 345 10.20 1.61 -23.40
CA PHE H 345 10.46 2.67 -24.38
C PHE H 345 11.92 2.63 -24.83
N ARG H 346 12.83 2.48 -23.87
CA ARG H 346 14.25 2.42 -24.18
C ARG H 346 14.45 1.17 -25.03
N LEU H 347 13.79 0.10 -24.63
CA LEU H 347 13.89 -1.15 -25.34
C LEU H 347 13.45 -1.02 -26.80
N LEU H 348 12.28 -0.44 -27.03
CA LEU H 348 11.77 -0.28 -28.39
C LEU H 348 12.48 0.84 -29.18
N GLY H 349 13.30 1.63 -28.49
CA GLY H 349 14.01 2.70 -29.17
C GLY H 349 13.20 3.97 -29.30
N LEU H 350 12.54 4.36 -28.22
CA LEU H 350 11.71 5.55 -28.21
C LEU H 350 11.98 6.38 -26.96
N LYS H 351 12.07 7.69 -27.12
CA LYS H 351 12.29 8.52 -25.95
C LYS H 351 11.05 8.33 -25.08
N TYR H 352 11.25 8.13 -23.79
CA TYR H 352 10.13 7.91 -22.88
C TYR H 352 9.12 9.06 -22.89
N LEU H 353 7.85 8.69 -22.91
CA LEU H 353 6.75 9.64 -22.89
C LEU H 353 5.92 9.28 -21.68
N PRO H 354 5.72 10.22 -20.74
CA PRO H 354 4.90 9.90 -19.57
C PRO H 354 3.44 9.82 -20.04
N PRO H 355 2.53 9.34 -19.17
CA PRO H 355 1.10 9.23 -19.54
C PRO H 355 0.50 10.49 -20.16
N GLU H 356 0.63 11.62 -19.46
CA GLU H 356 0.07 12.89 -19.92
C GLU H 356 0.48 13.30 -21.34
N GLN H 357 1.45 12.60 -21.91
CA GLN H 357 1.89 12.90 -23.28
C GLN H 357 1.51 11.74 -24.22
N ARG H 358 0.59 10.88 -23.77
CA ARG H 358 0.12 9.75 -24.56
C ARG H 358 -1.33 9.90 -25.01
N ASN H 359 -1.85 11.12 -24.99
CA ASN H 359 -3.23 11.36 -25.39
C ASN H 359 -3.30 11.55 -26.91
N ALA H 360 -2.91 10.53 -27.65
CA ALA H 360 -2.91 10.60 -29.11
C ALA H 360 -4.27 10.22 -29.71
#